data_6MJ4
#
_entry.id   6MJ4
#
_cell.length_a   78.948
_cell.length_b   190.723
_cell.length_c   151.145
_cell.angle_alpha   90.000
_cell.angle_beta   90.000
_cell.angle_gamma   90.000
#
_symmetry.space_group_name_H-M   'C 2 2 21'
#
loop_
_entity.id
_entity.type
_entity.pdbx_description
1 polymer 'T cell receptor alpha variable 11,T cell receptor alpha variable 11,T cell receptor alpha joining 18,Human nkt tcr alpha chain, chimeric protein'
2 polymer 'Beta-chain,T cell receptor chain,T cell receptor beta constant 2, CHIMERIC PROTEIN'
3 polymer 'Antigen-presenting glycoprotein CD1d1'
4 polymer Beta-2-microglobulin
5 branched 2-acetamido-2-deoxy-beta-D-glucopyranose-(1-4)-2-acetamido-2-deoxy-beta-D-glucopyranose
6 branched 2-acetamido-2-deoxy-beta-D-glucopyranose-(1-4)-[alpha-L-fucopyranose-(1-6)]2-acetamido-2-deoxy-beta-D-glucopyranose
7 non-polymer GLYCEROL
8 non-polymer 'SODIUM ION'
9 non-polymer 2-acetamido-2-deoxy-beta-D-glucopyranose
10 non-polymer N-[(2S,3S,4R)-3,4-dihydroxy-1-{[4-O-(prop-2-en-1-yl)-alpha-D-galactopyranosyl]oxy}octadecan-2-yl]hexacosanamide
11 water water
#
loop_
_entity_poly.entity_id
_entity_poly.type
_entity_poly.pdbx_seq_one_letter_code
_entity_poly.pdbx_strand_id
1 'polypeptide(L)'
;MKTQVEQSPQSLVVRQGENCVLQCNYSVTPDNHLRWFKQDTGKGLVSLTVLVDQKDKTSNGRYSATLDKDAKHSTLHITA
TLLDDTATYICVVGDRGSALGRLHFGAGTQLIVIPDIQNPDPAVYQLRDSKSSDKSVCLFTDFDSQTNVSQSKDSDVYIT
DKCVLDMRSMDFKSNSAVAWSNKSDFACANAFNNSIIPEDTFFPSPESS
;
C
2 'polypeptide(L)'
;MEAAVTQSPRNKVAVTGGKVTLSCNQTNNHNNMYWYRQDTGHGLRLIHYSYGAGSTEKGDIPDGYKASRPSQENFSLILE
LATPSQTSVYFCASGDEGYTQYFGPGTRLLVLEDLRNVTPPKVSLFEPSKAEISHTQKATLVCLATGFYPDHVELSWWVN
GKEVHSGVCTDPQPLKEQPALNDSRYSLSSRLRVSATFWQNPRNHFRCQVQFYGLSENDEWTQDRAKPVTQIVSAEAWGR
A
;
D
3 'polypeptide(L)'
;SEAQQKNYTFRCLQMSSFANRSWSRTDSVVWLGDLQTHRWSNDSATISFTKPWSQGKLSNQQWEKLQHMFQVYRVSFTRD
IQELVKMMSPKEDYPIEIQLSAGCEMYPGNASESFLHVAFQGKYVVRFWGTSWQTVPGAPSWLDLPIKVLNADQGTSATV
QMLLNDTCPLFVRGLLEAGKSDLEKQEKPVAWLSSVPSSAHGHRQLVCHVSGFYPKPVWVMWMRGDQEQQGTHRGDFLPN
ADETWYLQATLDVEAGEEAGLACRVKHSSLGGQDIILYWHHHHHH
;
A
4 'polypeptide(L)'
;IQKTPQIQVYSRHPPENGKPNILNCYVTQFHPPHIEIQMLKNGKKIPKVEMSDMSFSKDWSFYILAHTEFTPTETDTYAC
RVKHASMAEPKTVYWDRDM
;
B
#
# COMPACT_ATOMS: atom_id res chain seq x y z
N LYS A 2 2.75 -7.25 -17.13
CA LYS A 2 1.28 -7.12 -16.92
C LYS A 2 1.00 -6.67 -15.48
N THR A 3 1.47 -7.47 -14.51
CA THR A 3 1.23 -7.25 -13.06
C THR A 3 2.57 -7.00 -12.36
N GLN A 4 2.51 -6.58 -11.10
CA GLN A 4 3.70 -6.23 -10.33
C GLN A 4 4.28 -7.47 -9.62
N VAL A 5 3.55 -8.58 -9.57
CA VAL A 5 4.01 -9.80 -8.90
C VAL A 5 3.75 -11.00 -9.84
N GLU A 6 4.83 -11.68 -10.22
CA GLU A 6 4.78 -12.80 -11.16
C GLU A 6 5.32 -14.06 -10.50
N GLN A 7 4.58 -15.16 -10.64
CA GLN A 7 4.96 -16.44 -10.08
C GLN A 7 5.25 -17.41 -11.22
N SER A 8 6.19 -18.33 -10.96
CA SER A 8 6.60 -19.40 -11.88
C SER A 8 7.00 -20.61 -11.06
N PRO A 9 6.78 -21.83 -11.58
CA PRO A 9 5.94 -22.13 -12.73
C PRO A 9 4.46 -21.79 -12.49
N GLN A 10 3.68 -21.72 -13.58
CA GLN A 10 2.24 -21.54 -13.49
C GLN A 10 1.62 -22.76 -12.80
N SER A 11 2.10 -23.95 -13.17
CA SER A 11 1.66 -25.18 -12.56
C SER A 11 2.73 -26.26 -12.73
N LEU A 12 2.70 -27.26 -11.85
CA LEU A 12 3.61 -28.37 -11.94
C LEU A 12 3.02 -29.60 -11.25
N VAL A 13 3.48 -30.76 -11.70
CA VAL A 13 3.11 -32.06 -11.21
C VAL A 13 4.39 -32.74 -10.70
N VAL A 14 4.37 -33.19 -9.44
CA VAL A 14 5.50 -33.90 -8.86
C VAL A 14 4.96 -35.19 -8.22
N ARG A 15 5.86 -36.14 -7.99
CA ARG A 15 5.54 -37.37 -7.30
C ARG A 15 5.89 -37.21 -5.81
N GLN A 16 5.10 -37.87 -4.95
CA GLN A 16 5.29 -37.87 -3.51
C GLN A 16 6.76 -38.16 -3.19
N GLY A 17 7.31 -37.40 -2.25
CA GLY A 17 8.68 -37.58 -1.77
C GLY A 17 9.67 -36.70 -2.51
N GLU A 18 9.30 -36.18 -3.69
CA GLU A 18 10.17 -35.28 -4.45
C GLU A 18 10.12 -33.89 -3.82
N ASN A 19 11.20 -33.14 -3.99
CA ASN A 19 11.25 -31.73 -3.61
C ASN A 19 10.83 -30.90 -4.82
N CYS A 20 10.38 -29.66 -4.58
CA CYS A 20 10.14 -28.72 -5.65
C CYS A 20 10.42 -27.30 -5.17
N VAL A 21 10.61 -26.38 -6.12
CA VAL A 21 10.93 -25.00 -5.83
C VAL A 21 9.96 -24.11 -6.64
N LEU A 22 9.37 -23.13 -5.96
CA LEU A 22 8.41 -22.20 -6.52
C LEU A 22 9.04 -20.80 -6.50
N GLN A 23 8.80 -20.01 -7.55
CA GLN A 23 9.46 -18.71 -7.76
C GLN A 23 8.43 -17.57 -7.69
N CYS A 24 8.87 -16.45 -7.15
CA CYS A 24 8.12 -15.20 -7.14
C CYS A 24 9.07 -14.06 -7.51
N ASN A 25 8.72 -13.32 -8.56
CA ASN A 25 9.45 -12.14 -9.00
C ASN A 25 8.49 -10.95 -9.02
N TYR A 26 8.93 -9.80 -8.52
CA TYR A 26 8.05 -8.65 -8.38
C TYR A 26 8.79 -7.37 -8.79
N SER A 27 7.99 -6.34 -9.12
CA SER A 27 8.48 -4.99 -9.42
C SER A 27 8.00 -4.00 -8.36
N VAL A 28 7.26 -4.48 -7.34
CA VAL A 28 6.65 -3.63 -6.30
C VAL A 28 7.74 -2.81 -5.60
N THR A 29 7.46 -1.52 -5.40
CA THR A 29 8.35 -0.59 -4.70
C THR A 29 7.53 0.33 -3.79
N PRO A 30 7.91 0.47 -2.51
CA PRO A 30 8.92 -0.35 -1.86
C PRO A 30 8.39 -1.75 -1.51
N ASP A 31 9.31 -2.61 -1.08
CA ASP A 31 9.03 -4.00 -0.74
C ASP A 31 9.32 -4.20 0.75
N ASN A 32 8.30 -4.01 1.60
CA ASN A 32 8.49 -4.12 3.04
C ASN A 32 8.64 -5.59 3.44
N HIS A 33 7.73 -6.44 2.95
CA HIS A 33 7.74 -7.85 3.30
C HIS A 33 7.05 -8.66 2.19
N LEU A 34 7.34 -9.97 2.20
CA LEU A 34 6.78 -10.92 1.26
C LEU A 34 6.28 -12.13 2.04
N ARG A 35 5.03 -12.52 1.77
CA ARG A 35 4.41 -13.66 2.42
C ARG A 35 4.06 -14.72 1.37
N TRP A 36 4.22 -15.99 1.76
CA TRP A 36 3.74 -17.12 1.00
C TRP A 36 2.51 -17.71 1.70
N PHE A 37 1.43 -17.85 0.91
CA PHE A 37 0.20 -18.48 1.32
C PHE A 37 0.04 -19.83 0.61
N LYS A 38 -0.53 -20.80 1.32
CA LYS A 38 -1.06 -22.02 0.73
C LYS A 38 -2.59 -21.92 0.69
N GLN A 39 -3.17 -22.18 -0.48
CA GLN A 39 -4.62 -22.23 -0.64
C GLN A 39 -5.05 -23.58 -1.22
N ASP A 40 -5.64 -24.42 -0.37
CA ASP A 40 -6.29 -25.67 -0.78
C ASP A 40 -7.53 -25.35 -1.61
N THR A 41 -7.96 -26.31 -2.43
CA THR A 41 -9.06 -26.13 -3.40
C THR A 41 -10.33 -25.69 -2.64
N GLY A 42 -10.90 -24.57 -3.06
CA GLY A 42 -12.14 -24.01 -2.51
C GLY A 42 -12.02 -23.59 -1.05
N LYS A 43 -10.79 -23.41 -0.55
CA LYS A 43 -10.55 -23.09 0.86
C LYS A 43 -9.92 -21.69 0.94
N GLY A 44 -9.40 -21.36 2.13
CA GLY A 44 -8.87 -20.05 2.44
C GLY A 44 -7.36 -19.99 2.36
N LEU A 45 -6.82 -18.87 2.83
CA LEU A 45 -5.40 -18.56 2.73
C LEU A 45 -4.72 -18.93 4.06
N VAL A 46 -3.76 -19.85 4.00
CA VAL A 46 -2.96 -20.26 5.14
C VAL A 46 -1.54 -19.72 4.95
N SER A 47 -1.10 -18.85 5.87
CA SER A 47 0.24 -18.27 5.83
C SER A 47 1.29 -19.34 6.13
N LEU A 48 2.30 -19.47 5.27
CA LEU A 48 3.41 -20.43 5.44
C LEU A 48 4.61 -19.73 6.07
N THR A 49 4.89 -18.49 5.63
CA THR A 49 6.07 -17.77 6.07
C THR A 49 5.98 -16.31 5.60
N VAL A 50 6.65 -15.41 6.33
N VAL A 50 6.67 -15.43 6.33
CA VAL A 50 6.81 -14.03 5.91
CA VAL A 50 6.85 -14.02 6.00
C VAL A 50 8.30 -13.67 5.99
C VAL A 50 8.34 -13.72 5.98
N LEU A 51 8.82 -13.06 4.92
CA LEU A 51 10.21 -12.65 4.80
C LEU A 51 10.26 -11.12 4.80
N VAL A 52 11.16 -10.55 5.62
CA VAL A 52 11.17 -9.10 5.91
C VAL A 52 12.54 -8.45 5.65
N ASP A 53 13.63 -9.23 5.60
CA ASP A 53 14.99 -8.68 5.53
C ASP A 53 15.47 -8.61 4.07
N GLN A 54 16.47 -7.75 3.83
CA GLN A 54 17.05 -7.49 2.51
C GLN A 54 17.50 -8.82 1.87
N LYS A 55 18.16 -9.65 2.68
CA LYS A 55 18.56 -11.00 2.32
C LYS A 55 18.06 -11.90 3.45
N ASP A 56 16.95 -12.60 3.21
CA ASP A 56 16.27 -13.32 4.26
C ASP A 56 16.12 -14.80 3.89
N LYS A 57 16.07 -15.62 4.94
CA LYS A 57 15.81 -17.04 4.87
C LYS A 57 14.88 -17.39 6.04
N THR A 58 13.85 -18.18 5.76
CA THR A 58 12.95 -18.68 6.79
C THR A 58 12.70 -20.16 6.56
N SER A 59 12.15 -20.81 7.58
CA SER A 59 11.75 -22.19 7.49
C SER A 59 10.51 -22.41 8.35
N ASN A 60 9.74 -23.43 7.98
CA ASN A 60 8.55 -23.84 8.68
C ASN A 60 8.30 -25.29 8.27
N GLY A 61 8.79 -26.22 9.10
CA GLY A 61 8.72 -27.66 8.81
C GLY A 61 9.40 -27.98 7.48
N ARG A 62 8.62 -28.53 6.54
CA ARG A 62 9.15 -28.95 5.23
C ARG A 62 9.25 -27.74 4.28
N TYR A 63 8.69 -26.59 4.68
CA TYR A 63 8.74 -25.35 3.87
C TYR A 63 9.98 -24.55 4.28
N SER A 64 10.73 -24.06 3.28
CA SER A 64 11.77 -23.07 3.49
C SER A 64 11.69 -22.04 2.35
N ALA A 65 12.11 -20.81 2.65
CA ALA A 65 11.97 -19.72 1.72
C ALA A 65 13.19 -18.79 1.79
N THR A 66 13.48 -18.14 0.66
CA THR A 66 14.51 -17.13 0.54
C THR A 66 13.88 -15.86 -0.03
N LEU A 67 14.46 -14.70 0.32
CA LEU A 67 14.11 -13.43 -0.27
C LEU A 67 15.40 -12.65 -0.54
N ASP A 68 15.52 -12.14 -1.76
CA ASP A 68 16.57 -11.22 -2.17
C ASP A 68 15.90 -9.95 -2.69
N LYS A 69 15.86 -8.91 -1.85
CA LYS A 69 15.15 -7.68 -2.18
C LYS A 69 15.86 -6.91 -3.31
N ASP A 70 17.19 -7.08 -3.43
CA ASP A 70 17.96 -6.42 -4.50
C ASP A 70 17.51 -6.97 -5.87
N ALA A 71 17.36 -8.29 -5.98
CA ALA A 71 16.91 -8.95 -7.21
C ALA A 71 15.37 -8.95 -7.31
N LYS A 72 14.69 -8.64 -6.21
CA LYS A 72 13.22 -8.67 -6.10
C LYS A 72 12.71 -10.07 -6.48
N HIS A 73 13.23 -11.05 -5.74
CA HIS A 73 13.04 -12.46 -6.04
C HIS A 73 12.91 -13.24 -4.73
N SER A 74 11.93 -14.15 -4.69
CA SER A 74 11.75 -15.07 -3.59
C SER A 74 11.53 -16.48 -4.15
N THR A 75 11.99 -17.49 -3.41
CA THR A 75 11.72 -18.89 -3.71
C THR A 75 11.10 -19.54 -2.47
N LEU A 76 10.14 -20.44 -2.72
CA LEU A 76 9.61 -21.34 -1.71
C LEU A 76 10.03 -22.75 -2.10
N HIS A 77 10.71 -23.44 -1.17
CA HIS A 77 11.15 -24.83 -1.32
CA HIS A 77 11.13 -24.83 -1.35
C HIS A 77 10.24 -25.72 -0.47
N ILE A 78 9.71 -26.78 -1.09
CA ILE A 78 8.96 -27.82 -0.36
C ILE A 78 9.82 -29.09 -0.40
N THR A 79 10.24 -29.57 0.77
CA THR A 79 11.00 -30.81 0.89
C THR A 79 10.03 -31.99 1.09
N ALA A 80 10.30 -33.09 0.38
CA ALA A 80 9.61 -34.37 0.55
C ALA A 80 8.09 -34.17 0.50
N THR A 81 7.58 -33.84 -0.70
CA THR A 81 6.18 -33.48 -0.89
C THR A 81 5.27 -34.61 -0.43
N LEU A 82 4.13 -34.22 0.16
CA LEU A 82 3.04 -35.12 0.54
C LEU A 82 1.81 -34.76 -0.29
N LEU A 83 0.85 -35.69 -0.33
CA LEU A 83 -0.41 -35.53 -1.04
C LEU A 83 -1.07 -34.20 -0.65
N ASP A 84 -1.02 -33.86 0.66
CA ASP A 84 -1.70 -32.69 1.22
C ASP A 84 -1.02 -31.37 0.79
N ASP A 85 0.11 -31.44 0.06
CA ASP A 85 0.75 -30.24 -0.48
C ASP A 85 0.08 -29.80 -1.79
N THR A 86 -0.78 -30.67 -2.35
CA THR A 86 -1.59 -30.34 -3.53
C THR A 86 -2.44 -29.11 -3.19
N ALA A 87 -2.16 -27.99 -3.86
CA ALA A 87 -2.74 -26.69 -3.51
C ALA A 87 -2.24 -25.64 -4.51
N THR A 88 -2.77 -24.43 -4.38
CA THR A 88 -2.20 -23.24 -5.01
C THR A 88 -1.34 -22.50 -3.99
N TYR A 89 -0.14 -22.08 -4.41
CA TYR A 89 0.79 -21.33 -3.57
C TYR A 89 0.88 -19.91 -4.10
N ILE A 90 0.63 -18.94 -3.20
CA ILE A 90 0.45 -17.55 -3.56
C ILE A 90 1.50 -16.69 -2.83
N CYS A 91 2.16 -15.86 -3.62
CA CYS A 91 3.14 -14.89 -3.20
C CYS A 91 2.44 -13.53 -3.09
N VAL A 92 2.69 -12.80 -1.99
N VAL A 92 2.72 -12.81 -1.99
CA VAL A 92 2.12 -11.47 -1.80
CA VAL A 92 2.13 -11.49 -1.72
C VAL A 92 3.18 -10.54 -1.21
C VAL A 92 3.21 -10.55 -1.21
N VAL A 93 3.30 -9.35 -1.80
CA VAL A 93 4.26 -8.33 -1.37
C VAL A 93 3.47 -7.18 -0.75
N GLY A 94 3.80 -6.84 0.50
CA GLY A 94 3.26 -5.67 1.19
C GLY A 94 4.23 -4.51 1.06
N ASP A 95 3.71 -3.34 0.65
CA ASP A 95 4.57 -2.22 0.29
C ASP A 95 4.78 -1.25 1.47
N ARG A 96 4.29 -1.61 2.66
CA ARG A 96 4.53 -0.82 3.89
C ARG A 96 4.61 -1.74 5.10
N GLY A 97 5.32 -1.27 6.14
CA GLY A 97 5.39 -1.95 7.41
C GLY A 97 4.28 -1.53 8.36
N SER A 98 3.15 -1.07 7.82
CA SER A 98 1.97 -0.63 8.57
C SER A 98 0.70 -0.82 7.76
N ALA A 99 -0.44 -0.46 8.36
CA ALA A 99 -1.77 -0.55 7.77
C ALA A 99 -1.94 0.41 6.57
N LEU A 100 -1.00 1.35 6.39
CA LEU A 100 -1.00 2.25 5.22
C LEU A 100 -0.59 1.48 3.95
N GLY A 101 -0.15 0.23 4.12
CA GLY A 101 0.30 -0.62 3.01
C GLY A 101 -0.84 -1.14 2.15
N ARG A 102 -0.51 -1.37 0.88
CA ARG A 102 -1.28 -2.16 -0.04
C ARG A 102 -0.58 -3.52 -0.24
N LEU A 103 -1.40 -4.57 -0.38
CA LEU A 103 -0.93 -5.90 -0.72
C LEU A 103 -0.99 -6.09 -2.24
N HIS A 104 0.07 -6.69 -2.78
CA HIS A 104 0.20 -6.98 -4.20
C HIS A 104 0.30 -8.50 -4.35
N PHE A 105 -0.74 -9.12 -4.90
CA PHE A 105 -0.88 -10.58 -4.93
C PHE A 105 -0.42 -11.14 -6.27
N GLY A 106 0.39 -12.21 -6.21
CA GLY A 106 0.63 -13.04 -7.37
C GLY A 106 -0.59 -13.89 -7.67
N ALA A 107 -0.65 -14.42 -8.90
CA ALA A 107 -1.78 -15.18 -9.39
C ALA A 107 -1.68 -16.65 -8.99
N GLY A 108 -0.55 -17.05 -8.39
CA GLY A 108 -0.42 -18.35 -7.76
C GLY A 108 0.23 -19.39 -8.67
N THR A 109 0.81 -20.42 -8.05
CA THR A 109 1.34 -21.62 -8.70
C THR A 109 0.53 -22.83 -8.22
N GLN A 110 -0.03 -23.60 -9.16
CA GLN A 110 -0.78 -24.82 -8.83
C GLN A 110 0.18 -26.02 -8.78
N LEU A 111 0.26 -26.66 -7.61
CA LEU A 111 1.05 -27.86 -7.39
C LEU A 111 0.10 -29.07 -7.27
N ILE A 112 0.38 -30.12 -8.05
CA ILE A 112 -0.25 -31.43 -7.88
C ILE A 112 0.83 -32.43 -7.46
N VAL A 113 0.58 -33.17 -6.38
CA VAL A 113 1.48 -34.23 -5.90
C VAL A 113 0.79 -35.58 -6.13
N ILE A 114 1.42 -36.43 -6.94
N ILE A 114 1.42 -36.43 -6.94
CA ILE A 114 0.94 -37.78 -7.23
CA ILE A 114 0.92 -37.78 -7.23
C ILE A 114 1.31 -38.70 -6.06
C ILE A 114 1.31 -38.70 -6.07
N PRO A 115 0.33 -39.37 -5.42
CA PRO A 115 0.63 -40.20 -4.25
C PRO A 115 1.30 -41.53 -4.63
N ASP A 116 2.05 -42.09 -3.67
CA ASP A 116 2.68 -43.42 -3.80
C ASP A 116 1.69 -44.50 -3.37
N ILE A 117 1.32 -45.37 -4.31
CA ILE A 117 0.51 -46.54 -4.02
C ILE A 117 1.44 -47.76 -3.99
N GLN A 118 1.79 -48.21 -2.77
CA GLN A 118 2.81 -49.24 -2.54
C GLN A 118 2.30 -50.62 -2.97
N ASN A 119 1.13 -51.01 -2.44
CA ASN A 119 0.58 -52.35 -2.59
C ASN A 119 -0.73 -52.30 -3.36
N PRO A 120 -0.71 -52.08 -4.69
CA PRO A 120 -1.94 -52.01 -5.48
C PRO A 120 -2.69 -53.35 -5.51
N ASP A 121 -4.02 -53.27 -5.66
CA ASP A 121 -4.89 -54.43 -5.71
C ASP A 121 -6.10 -54.08 -6.59
N PRO A 122 -5.89 -53.77 -7.90
CA PRO A 122 -6.95 -53.25 -8.75
C PRO A 122 -8.16 -54.19 -8.84
N ALA A 123 -9.37 -53.63 -8.67
CA ALA A 123 -10.60 -54.41 -8.66
C ALA A 123 -11.78 -53.51 -9.06
N VAL A 124 -12.83 -54.15 -9.60
CA VAL A 124 -14.09 -53.49 -9.91
C VAL A 124 -15.19 -54.17 -9.09
N TYR A 125 -15.81 -53.40 -8.18
CA TYR A 125 -16.87 -53.90 -7.31
C TYR A 125 -18.20 -53.25 -7.68
N GLN A 126 -19.30 -53.97 -7.39
CA GLN A 126 -20.65 -53.46 -7.54
C GLN A 126 -21.20 -53.14 -6.14
N LEU A 127 -21.77 -51.94 -6.00
CA LEU A 127 -22.39 -51.48 -4.75
C LEU A 127 -23.87 -51.21 -5.01
N ARG A 128 -24.75 -51.55 -4.05
CA ARG A 128 -26.20 -51.37 -4.24
C ARG A 128 -26.71 -50.24 -3.34
N ASP A 129 -27.77 -49.57 -3.81
CA ASP A 129 -28.40 -48.41 -3.17
C ASP A 129 -29.01 -48.88 -1.84
N SER A 130 -28.91 -48.01 -0.81
CA SER A 130 -29.37 -48.30 0.54
C SER A 130 -30.91 -48.44 0.59
N LYS A 131 -31.61 -47.76 -0.32
CA LYS A 131 -33.08 -47.78 -0.39
C LYS A 131 -33.52 -48.83 -1.42
N SER A 132 -33.55 -48.44 -2.70
CA SER A 132 -34.03 -49.29 -3.80
C SER A 132 -32.84 -50.02 -4.43
N SER A 133 -32.66 -51.29 -4.05
CA SER A 133 -31.44 -52.05 -4.32
C SER A 133 -31.37 -52.55 -5.76
N ASP A 134 -32.30 -52.09 -6.62
CA ASP A 134 -32.19 -52.27 -8.07
C ASP A 134 -31.11 -51.32 -8.62
N LYS A 135 -30.96 -50.15 -7.99
CA LYS A 135 -29.94 -49.17 -8.36
C LYS A 135 -28.56 -49.64 -7.85
N SER A 136 -27.52 -49.40 -8.66
CA SER A 136 -26.15 -49.74 -8.28
C SER A 136 -25.14 -48.79 -8.93
N VAL A 137 -23.91 -48.84 -8.42
CA VAL A 137 -22.76 -48.18 -9.04
C VAL A 137 -21.64 -49.23 -9.14
N CYS A 138 -20.65 -48.93 -9.99
CA CYS A 138 -19.44 -49.73 -10.14
C CYS A 138 -18.23 -48.94 -9.63
N LEU A 139 -17.48 -49.54 -8.72
CA LEU A 139 -16.33 -48.91 -8.08
C LEU A 139 -15.06 -49.61 -8.57
N PHE A 140 -14.26 -48.89 -9.37
CA PHE A 140 -12.92 -49.30 -9.76
C PHE A 140 -11.93 -48.71 -8.76
N THR A 141 -11.27 -49.57 -7.98
CA THR A 141 -10.46 -49.10 -6.87
C THR A 141 -9.13 -49.85 -6.77
N ASP A 142 -8.19 -49.23 -6.05
CA ASP A 142 -6.95 -49.83 -5.56
C ASP A 142 -5.96 -50.04 -6.72
N PHE A 143 -6.04 -49.20 -7.76
CA PHE A 143 -5.07 -49.19 -8.86
C PHE A 143 -3.97 -48.16 -8.55
N ASP A 144 -2.78 -48.35 -9.11
CA ASP A 144 -1.67 -47.42 -8.87
C ASP A 144 -1.82 -46.24 -9.85
N SER A 145 -1.03 -45.19 -9.62
CA SER A 145 -1.22 -43.89 -10.28
C SER A 145 -0.65 -43.89 -11.71
N GLN A 146 -0.20 -45.06 -12.20
CA GLN A 146 0.12 -45.24 -13.62
C GLN A 146 -1.18 -45.33 -14.43
N THR A 147 -2.23 -45.91 -13.84
CA THR A 147 -3.51 -46.15 -14.50
C THR A 147 -4.25 -44.83 -14.74
N ASN A 148 -4.82 -44.68 -15.95
CA ASN A 148 -5.67 -43.56 -16.34
C ASN A 148 -7.10 -44.07 -16.52
N VAL A 149 -8.08 -43.28 -16.05
CA VAL A 149 -9.50 -43.59 -16.21
C VAL A 149 -10.05 -42.68 -17.30
N SER A 150 -10.56 -43.29 -18.38
CA SER A 150 -11.13 -42.56 -19.50
C SER A 150 -12.65 -42.44 -19.32
N GLN A 151 -13.21 -41.34 -19.84
CA GLN A 151 -14.66 -41.13 -19.92
C GLN A 151 -15.28 -42.25 -20.78
N SER A 152 -16.59 -42.44 -20.64
CA SER A 152 -17.31 -43.53 -21.33
C SER A 152 -17.56 -43.15 -22.79
N LYS A 153 -17.70 -44.19 -23.63
CA LYS A 153 -18.11 -44.05 -25.03
C LYS A 153 -19.62 -43.79 -25.08
N ASP A 154 -20.38 -44.58 -24.31
CA ASP A 154 -21.82 -44.39 -24.13
C ASP A 154 -22.06 -43.15 -23.26
N SER A 155 -22.93 -42.24 -23.73
CA SER A 155 -23.19 -40.97 -23.07
C SER A 155 -24.29 -41.12 -22.00
N ASP A 156 -24.89 -42.31 -21.90
CA ASP A 156 -25.84 -42.64 -20.84
C ASP A 156 -25.13 -43.42 -19.72
N VAL A 157 -23.82 -43.59 -19.85
CA VAL A 157 -22.95 -44.14 -18.82
C VAL A 157 -22.07 -43.00 -18.29
N TYR A 158 -22.02 -42.84 -16.97
CA TYR A 158 -21.25 -41.78 -16.32
C TYR A 158 -20.05 -42.41 -15.61
N ILE A 159 -18.89 -41.75 -15.75
CA ILE A 159 -17.65 -42.19 -15.14
C ILE A 159 -16.94 -40.95 -14.60
N THR A 160 -16.55 -41.01 -13.32
CA THR A 160 -15.84 -39.91 -12.66
C THR A 160 -14.34 -40.04 -12.94
N ASP A 161 -13.60 -38.95 -12.73
CA ASP A 161 -12.16 -38.99 -12.75
C ASP A 161 -11.69 -39.75 -11.50
N LYS A 162 -10.43 -40.18 -11.51
CA LYS A 162 -9.85 -40.86 -10.36
C LYS A 162 -9.74 -39.86 -9.20
N CYS A 163 -9.65 -40.41 -7.99
CA CYS A 163 -9.74 -39.67 -6.76
C CYS A 163 -9.01 -40.47 -5.68
N VAL A 164 -8.07 -39.83 -4.96
CA VAL A 164 -7.29 -40.53 -3.93
C VAL A 164 -7.82 -40.16 -2.54
N LEU A 165 -8.12 -41.19 -1.75
CA LEU A 165 -8.49 -41.02 -0.35
C LEU A 165 -7.36 -41.53 0.53
N ASP A 166 -7.33 -41.01 1.76
CA ASP A 166 -6.26 -41.25 2.71
C ASP A 166 -6.89 -41.69 4.03
N MET A 167 -6.77 -42.99 4.32
CA MET A 167 -7.15 -43.56 5.60
C MET A 167 -5.99 -43.34 6.59
N ARG A 168 -6.04 -42.20 7.28
CA ARG A 168 -4.89 -41.62 7.98
C ARG A 168 -4.41 -42.52 9.12
N SER A 169 -5.33 -43.09 9.90
CA SER A 169 -4.99 -43.90 11.09
C SER A 169 -4.28 -45.21 10.68
N MET A 170 -4.53 -45.68 9.46
CA MET A 170 -3.95 -46.92 8.92
C MET A 170 -2.76 -46.63 8.00
N ASP A 171 -2.48 -45.34 7.74
CA ASP A 171 -1.44 -44.89 6.81
C ASP A 171 -1.63 -45.59 5.46
N PHE A 172 -2.83 -45.44 4.89
CA PHE A 172 -3.22 -46.15 3.67
C PHE A 172 -3.93 -45.18 2.71
N LYS A 173 -3.48 -45.17 1.46
CA LYS A 173 -4.11 -44.40 0.39
C LYS A 173 -4.58 -45.35 -0.70
N SER A 174 -5.67 -44.98 -1.38
CA SER A 174 -6.19 -45.74 -2.52
C SER A 174 -6.88 -44.81 -3.52
N ASN A 175 -6.68 -45.12 -4.80
CA ASN A 175 -7.34 -44.47 -5.93
C ASN A 175 -8.67 -45.18 -6.18
N SER A 176 -9.65 -44.43 -6.70
CA SER A 176 -10.92 -44.99 -7.10
C SER A 176 -11.57 -44.10 -8.16
N ALA A 177 -12.42 -44.73 -8.98
CA ALA A 177 -13.33 -44.06 -9.86
C ALA A 177 -14.67 -44.79 -9.80
N VAL A 178 -15.75 -44.07 -10.07
CA VAL A 178 -17.10 -44.58 -9.96
C VAL A 178 -17.75 -44.48 -11.35
N ALA A 179 -18.52 -45.51 -11.70
CA ALA A 179 -19.29 -45.56 -12.92
C ALA A 179 -20.72 -46.02 -12.60
N TRP A 180 -21.70 -45.40 -13.27
CA TRP A 180 -23.10 -45.77 -13.15
C TRP A 180 -23.84 -45.45 -14.44
N SER A 181 -25.03 -46.05 -14.61
CA SER A 181 -25.88 -45.88 -15.78
C SER A 181 -27.32 -46.32 -15.44
N ASN A 182 -28.15 -46.54 -16.47
CA ASN A 182 -29.55 -46.95 -16.32
C ASN A 182 -29.81 -48.21 -17.16
N PHE A 186 -26.17 -52.38 -18.55
CA PHE A 186 -24.94 -51.92 -17.94
C PHE A 186 -24.52 -52.87 -16.82
N ALA A 187 -23.28 -53.38 -16.91
CA ALA A 187 -22.68 -54.24 -15.90
C ALA A 187 -21.27 -53.74 -15.60
N CYS A 188 -20.76 -54.10 -14.41
CA CYS A 188 -19.46 -53.61 -13.94
C CYS A 188 -18.32 -54.26 -14.72
N ALA A 189 -18.56 -55.44 -15.29
CA ALA A 189 -17.58 -56.12 -16.16
C ALA A 189 -17.24 -55.24 -17.38
N ASN A 190 -18.22 -54.48 -17.87
CA ASN A 190 -18.11 -53.67 -19.09
C ASN A 190 -17.91 -52.18 -18.76
N ALA A 191 -18.03 -51.80 -17.49
CA ALA A 191 -18.12 -50.39 -17.08
C ALA A 191 -16.90 -49.59 -17.57
N PHE A 192 -15.69 -50.12 -17.34
CA PHE A 192 -14.45 -49.40 -17.60
C PHE A 192 -13.72 -49.95 -18.82
N ASN A 193 -14.48 -50.43 -19.82
CA ASN A 193 -13.93 -51.02 -21.05
C ASN A 193 -13.11 -49.98 -21.83
N ASN A 194 -13.55 -48.72 -21.81
CA ASN A 194 -12.90 -47.63 -22.56
C ASN A 194 -11.60 -47.19 -21.88
N SER A 195 -11.31 -47.71 -20.68
CA SER A 195 -10.07 -47.44 -19.97
C SER A 195 -9.11 -48.64 -20.11
N ILE A 196 -7.82 -48.33 -20.25
CA ILE A 196 -6.76 -49.33 -20.17
C ILE A 196 -6.50 -49.60 -18.68
N ILE A 197 -7.07 -50.71 -18.18
CA ILE A 197 -6.98 -51.07 -16.78
C ILE A 197 -5.97 -52.22 -16.64
N PRO A 198 -5.38 -52.41 -15.44
CA PRO A 198 -4.45 -53.53 -15.22
C PRO A 198 -5.05 -54.88 -15.66
N GLU A 199 -4.19 -55.77 -16.15
CA GLU A 199 -4.61 -57.06 -16.70
C GLU A 199 -5.07 -57.99 -15.58
N ASP A 200 -4.49 -57.84 -14.39
CA ASP A 200 -4.79 -58.67 -13.21
C ASP A 200 -5.90 -58.04 -12.35
N THR A 201 -6.72 -57.17 -12.95
CA THR A 201 -7.83 -56.51 -12.25
C THR A 201 -8.86 -57.57 -11.81
N PHE A 202 -9.21 -57.54 -10.52
CA PHE A 202 -10.15 -58.49 -9.90
C PHE A 202 -11.59 -58.10 -10.21
N PHE A 203 -12.33 -59.02 -10.85
CA PHE A 203 -13.77 -58.93 -11.08
C PHE A 203 -14.46 -60.07 -10.34
N PRO A 204 -15.08 -59.83 -9.16
CA PRO A 204 -15.63 -60.91 -8.34
C PRO A 204 -16.92 -61.55 -8.89
N SER A 205 -17.42 -62.55 -8.15
CA SER A 205 -18.72 -63.23 -8.34
C SER A 205 -18.51 -64.60 -8.98
N ALA B 3 -6.58 -13.75 15.92
CA ALA B 3 -7.52 -12.75 15.34
C ALA B 3 -8.34 -13.40 14.20
N ALA B 4 -9.61 -13.73 14.49
CA ALA B 4 -10.50 -14.46 13.57
C ALA B 4 -11.44 -13.48 12.84
N VAL B 5 -11.89 -13.90 11.65
CA VAL B 5 -12.79 -13.15 10.79
C VAL B 5 -13.79 -14.15 10.18
N THR B 6 -15.08 -13.80 10.19
CA THR B 6 -16.14 -14.66 9.63
C THR B 6 -16.83 -13.92 8.49
N GLN B 7 -17.39 -14.70 7.55
CA GLN B 7 -18.09 -14.19 6.38
C GLN B 7 -19.42 -14.91 6.25
N SER B 8 -20.46 -14.19 5.83
CA SER B 8 -21.75 -14.79 5.52
C SER B 8 -22.41 -14.06 4.35
N PRO B 9 -23.07 -14.80 3.46
CA PRO B 9 -23.07 -16.25 3.43
C PRO B 9 -21.71 -16.80 2.98
N ARG B 10 -21.53 -18.11 3.04
CA ARG B 10 -20.31 -18.77 2.58
C ARG B 10 -20.45 -19.13 1.09
N ASN B 11 -21.69 -19.20 0.62
CA ASN B 11 -22.01 -19.55 -0.76
C ASN B 11 -23.36 -18.92 -1.11
N LYS B 12 -23.49 -18.40 -2.34
CA LYS B 12 -24.69 -17.69 -2.77
C LYS B 12 -24.85 -17.84 -4.29
N VAL B 13 -26.07 -18.23 -4.69
CA VAL B 13 -26.52 -18.23 -6.08
C VAL B 13 -27.54 -17.10 -6.22
N ALA B 14 -27.28 -16.18 -7.16
CA ALA B 14 -28.09 -15.00 -7.38
C ALA B 14 -28.41 -14.86 -8.87
N VAL B 15 -29.38 -13.99 -9.17
CA VAL B 15 -29.80 -13.70 -10.54
C VAL B 15 -29.33 -12.29 -10.90
N THR B 16 -29.03 -12.08 -12.18
CA THR B 16 -28.72 -10.76 -12.72
C THR B 16 -29.83 -9.77 -12.34
N GLY B 17 -29.42 -8.59 -11.87
CA GLY B 17 -30.33 -7.50 -11.56
C GLY B 17 -30.79 -7.50 -10.11
N GLY B 18 -30.56 -8.61 -9.40
CA GLY B 18 -30.92 -8.75 -8.00
C GLY B 18 -29.87 -8.12 -7.09
N LYS B 19 -30.27 -7.86 -5.84
CA LYS B 19 -29.40 -7.28 -4.83
C LYS B 19 -28.75 -8.40 -4.02
N VAL B 20 -27.44 -8.30 -3.82
CA VAL B 20 -26.66 -9.24 -3.02
C VAL B 20 -25.83 -8.45 -2.00
N THR B 21 -25.87 -8.92 -0.74
CA THR B 21 -25.06 -8.35 0.34
C THR B 21 -24.14 -9.44 0.89
N LEU B 22 -22.82 -9.19 0.83
CA LEU B 22 -21.83 -10.05 1.44
C LEU B 22 -21.36 -9.39 2.74
N SER B 23 -21.42 -10.15 3.84
CA SER B 23 -21.12 -9.62 5.16
C SER B 23 -19.84 -10.22 5.72
N CYS B 24 -19.12 -9.41 6.50
CA CYS B 24 -17.90 -9.79 7.19
C CYS B 24 -17.97 -9.28 8.62
N ASN B 25 -17.65 -10.16 9.59
CA ASN B 25 -17.69 -9.83 11.01
C ASN B 25 -16.34 -10.19 11.66
N GLN B 26 -15.84 -9.28 12.51
CA GLN B 26 -14.64 -9.53 13.31
C GLN B 26 -14.82 -8.91 14.70
N THR B 27 -14.38 -9.65 15.72
CA THR B 27 -14.50 -9.26 17.12
C THR B 27 -13.12 -8.93 17.71
N ASN B 28 -12.18 -8.52 16.85
CA ASN B 28 -10.78 -8.28 17.22
C ASN B 28 -10.59 -6.83 17.67
N ASN B 29 -11.64 -6.02 17.52
CA ASN B 29 -11.61 -4.57 17.69
C ASN B 29 -10.60 -3.94 16.72
N HIS B 30 -10.50 -4.51 15.51
CA HIS B 30 -9.67 -3.96 14.44
C HIS B 30 -10.38 -2.76 13.80
N ASN B 31 -9.64 -1.65 13.63
CA ASN B 31 -10.16 -0.46 12.96
C ASN B 31 -10.40 -0.74 11.47
N ASN B 32 -9.54 -1.55 10.86
CA ASN B 32 -9.37 -1.57 9.41
C ASN B 32 -9.90 -2.88 8.83
N MET B 33 -10.73 -2.79 7.79
CA MET B 33 -11.26 -3.97 7.11
C MET B 33 -11.20 -3.76 5.58
N TYR B 34 -11.13 -4.88 4.86
CA TYR B 34 -10.77 -4.88 3.45
C TYR B 34 -11.57 -5.96 2.73
N TRP B 35 -12.07 -5.64 1.53
CA TRP B 35 -12.77 -6.60 0.67
C TRP B 35 -11.98 -6.81 -0.63
N TYR B 36 -11.78 -8.09 -0.97
CA TYR B 36 -11.10 -8.52 -2.19
C TYR B 36 -11.99 -9.51 -2.94
N ARG B 37 -11.74 -9.65 -4.25
CA ARG B 37 -12.24 -10.78 -5.03
C ARG B 37 -11.05 -11.50 -5.66
N GLN B 38 -11.20 -12.82 -5.80
CA GLN B 38 -10.22 -13.70 -6.39
C GLN B 38 -10.84 -14.38 -7.62
N ASP B 39 -10.20 -14.17 -8.78
CA ASP B 39 -10.61 -14.74 -10.05
C ASP B 39 -9.42 -15.47 -10.68
N THR B 40 -9.71 -16.58 -11.36
CA THR B 40 -8.69 -17.42 -11.98
C THR B 40 -7.83 -16.56 -12.90
N GLY B 41 -6.51 -16.74 -12.82
CA GLY B 41 -5.54 -16.00 -13.63
C GLY B 41 -5.16 -14.65 -13.03
N HIS B 42 -5.77 -14.28 -11.90
CA HIS B 42 -5.46 -13.03 -11.19
C HIS B 42 -5.14 -13.31 -9.74
N GLY B 43 -4.32 -12.44 -9.13
CA GLY B 43 -4.19 -12.38 -7.68
C GLY B 43 -5.42 -11.75 -7.08
N LEU B 44 -5.57 -11.83 -5.75
CA LEU B 44 -6.66 -11.10 -5.08
C LEU B 44 -6.56 -9.62 -5.47
N ARG B 45 -7.71 -8.99 -5.71
CA ARG B 45 -7.80 -7.58 -6.07
C ARG B 45 -8.71 -6.84 -5.07
N LEU B 46 -8.24 -5.70 -4.57
CA LEU B 46 -8.92 -4.90 -3.56
C LEU B 46 -10.09 -4.15 -4.20
N ILE B 47 -11.29 -4.28 -3.60
CA ILE B 47 -12.52 -3.67 -4.11
C ILE B 47 -12.80 -2.39 -3.31
N HIS B 48 -13.01 -2.54 -2.00
CA HIS B 48 -13.26 -1.46 -1.06
C HIS B 48 -12.55 -1.78 0.26
N TYR B 49 -12.31 -0.74 1.07
CA TYR B 49 -11.75 -0.93 2.40
C TYR B 49 -12.31 0.17 3.31
N SER B 50 -11.98 0.09 4.60
CA SER B 50 -12.58 0.95 5.62
C SER B 50 -11.62 1.10 6.80
N TYR B 51 -11.46 2.34 7.27
CA TYR B 51 -10.59 2.65 8.40
C TYR B 51 -11.38 2.81 9.71
N GLY B 52 -12.69 2.57 9.67
CA GLY B 52 -13.54 2.56 10.89
C GLY B 52 -15.00 2.75 10.55
N ALA B 53 -15.85 2.61 11.58
CA ALA B 53 -17.30 2.82 11.43
C ALA B 53 -17.54 4.13 10.66
N GLY B 54 -18.37 4.07 9.61
CA GLY B 54 -18.68 5.24 8.80
C GLY B 54 -17.70 5.48 7.65
N SER B 55 -16.49 4.89 7.72
CA SER B 55 -15.48 5.05 6.66
C SER B 55 -15.66 3.94 5.62
N THR B 56 -15.75 4.35 4.35
CA THR B 56 -15.59 3.44 3.23
C THR B 56 -14.73 4.15 2.18
N GLU B 57 -13.79 3.41 1.61
CA GLU B 57 -12.84 3.92 0.63
C GLU B 57 -12.80 2.97 -0.56
N LYS B 58 -12.69 3.54 -1.76
CA LYS B 58 -12.57 2.78 -2.98
C LYS B 58 -11.18 2.14 -3.04
N GLY B 59 -11.17 0.87 -3.46
CA GLY B 59 -9.95 0.13 -3.75
C GLY B 59 -9.57 0.26 -5.22
N ASP B 60 -9.01 -0.81 -5.77
CA ASP B 60 -8.52 -0.83 -7.15
C ASP B 60 -9.67 -1.08 -8.13
N ILE B 61 -10.65 -1.91 -7.74
CA ILE B 61 -11.74 -2.28 -8.67
C ILE B 61 -13.09 -2.08 -8.00
N PRO B 62 -13.46 -0.84 -7.63
CA PRO B 62 -14.69 -0.59 -6.87
C PRO B 62 -16.00 -0.63 -7.68
N ASP B 63 -15.93 -0.55 -9.01
CA ASP B 63 -17.10 -0.32 -9.87
C ASP B 63 -18.07 -1.51 -9.76
N GLY B 64 -19.34 -1.19 -9.48
CA GLY B 64 -20.43 -2.17 -9.36
C GLY B 64 -20.62 -2.68 -7.94
N TYR B 65 -19.83 -2.15 -6.99
CA TYR B 65 -19.92 -2.51 -5.57
C TYR B 65 -20.09 -1.25 -4.73
N LYS B 66 -20.86 -1.37 -3.65
CA LYS B 66 -20.93 -0.38 -2.58
C LYS B 66 -20.48 -1.07 -1.29
N ALA B 67 -19.71 -0.34 -0.47
CA ALA B 67 -19.26 -0.82 0.81
C ALA B 67 -20.05 -0.12 1.91
N SER B 68 -20.21 -0.80 3.04
CA SER B 68 -20.91 -0.27 4.20
C SER B 68 -20.20 -0.74 5.48
N ARG B 69 -19.81 0.22 6.32
CA ARG B 69 -19.20 -0.08 7.61
C ARG B 69 -20.10 0.49 8.71
N PRO B 70 -21.21 -0.19 9.09
CA PRO B 70 -22.12 0.32 10.11
C PRO B 70 -21.53 0.32 11.53
N SER B 71 -20.58 -0.58 11.80
CA SER B 71 -19.97 -0.73 13.11
C SER B 71 -18.50 -1.14 12.94
N GLN B 72 -17.76 -1.12 14.05
CA GLN B 72 -16.38 -1.61 14.13
C GLN B 72 -16.33 -3.08 13.70
N GLU B 73 -17.38 -3.84 14.07
CA GLU B 73 -17.43 -5.29 13.91
C GLU B 73 -17.75 -5.71 12.46
N ASN B 74 -18.61 -4.95 11.77
CA ASN B 74 -19.23 -5.42 10.52
C ASN B 74 -18.84 -4.55 9.33
N PHE B 75 -18.46 -5.21 8.23
CA PHE B 75 -18.14 -4.54 6.95
C PHE B 75 -18.84 -5.33 5.83
N SER B 76 -19.72 -4.64 5.09
CA SER B 76 -20.56 -5.27 4.08
C SER B 76 -20.18 -4.79 2.67
N LEU B 77 -20.26 -5.72 1.72
CA LEU B 77 -20.13 -5.47 0.32
C LEU B 77 -21.51 -5.66 -0.32
N ILE B 78 -22.02 -4.61 -0.96
CA ILE B 78 -23.37 -4.59 -1.50
C ILE B 78 -23.28 -4.53 -3.03
N LEU B 79 -23.84 -5.53 -3.69
CA LEU B 79 -24.05 -5.56 -5.13
C LEU B 79 -25.51 -5.18 -5.41
N GLU B 80 -25.73 -3.91 -5.73
CA GLU B 80 -27.08 -3.34 -5.89
C GLU B 80 -27.78 -4.02 -7.07
N LEU B 81 -27.07 -4.13 -8.20
CA LEU B 81 -27.56 -4.75 -9.42
C LEU B 81 -26.54 -5.79 -9.88
N ALA B 82 -26.67 -7.02 -9.36
CA ALA B 82 -25.70 -8.08 -9.60
C ALA B 82 -25.59 -8.38 -11.11
N THR B 83 -24.37 -8.64 -11.58
CA THR B 83 -24.11 -9.07 -12.95
C THR B 83 -23.26 -10.34 -12.94
N PRO B 84 -23.31 -11.16 -14.01
CA PRO B 84 -22.45 -12.35 -14.13
C PRO B 84 -20.94 -12.12 -13.98
N SER B 85 -20.46 -10.91 -14.31
CA SER B 85 -19.06 -10.56 -14.15
C SER B 85 -18.64 -10.55 -12.67
N GLN B 86 -19.62 -10.53 -11.75
CA GLN B 86 -19.37 -10.51 -10.31
C GLN B 86 -19.37 -11.94 -9.73
N THR B 87 -19.56 -12.96 -10.58
CA THR B 87 -19.28 -14.34 -10.19
C THR B 87 -17.81 -14.42 -9.77
N SER B 88 -17.56 -14.80 -8.52
CA SER B 88 -16.20 -14.76 -7.96
C SER B 88 -16.17 -15.42 -6.59
N VAL B 89 -14.97 -15.47 -6.01
CA VAL B 89 -14.76 -15.76 -4.60
C VAL B 89 -14.32 -14.45 -3.94
N TYR B 90 -15.06 -14.06 -2.90
CA TYR B 90 -14.85 -12.80 -2.19
C TYR B 90 -14.21 -13.09 -0.84
N PHE B 91 -13.16 -12.32 -0.51
CA PHE B 91 -12.44 -12.44 0.76
C PHE B 91 -12.46 -11.10 1.49
N CYS B 92 -12.79 -11.16 2.78
CA CYS B 92 -12.70 -10.05 3.69
C CYS B 92 -11.47 -10.25 4.58
N ALA B 93 -10.85 -9.14 4.99
CA ALA B 93 -9.75 -9.18 5.95
C ALA B 93 -9.88 -8.00 6.91
N SER B 94 -9.27 -8.15 8.09
CA SER B 94 -9.19 -7.06 9.07
C SER B 94 -7.75 -6.95 9.58
N GLY B 95 -7.44 -5.79 10.16
CA GLY B 95 -6.16 -5.55 10.79
C GLY B 95 -6.18 -4.31 11.65
N ASP B 96 -5.16 -4.19 12.51
CA ASP B 96 -4.96 -3.00 13.31
C ASP B 96 -3.94 -2.12 12.58
N GLU B 97 -3.16 -1.34 13.32
CA GLU B 97 -2.20 -0.40 12.72
C GLU B 97 -1.03 -1.15 12.05
N GLY B 98 -0.80 -2.41 12.46
CA GLY B 98 0.24 -3.27 11.87
C GLY B 98 -0.12 -3.68 10.44
N TYR B 99 0.87 -4.17 9.68
CA TYR B 99 0.67 -4.47 8.27
C TYR B 99 -0.14 -5.76 8.04
N THR B 100 -0.22 -6.64 9.05
CA THR B 100 -0.87 -7.95 8.84
C THR B 100 -2.37 -7.77 8.58
N GLN B 101 -2.86 -8.42 7.51
CA GLN B 101 -4.26 -8.54 7.22
C GLN B 101 -4.67 -9.98 7.51
N TYR B 102 -5.70 -10.15 8.35
CA TYR B 102 -6.22 -11.44 8.77
C TYR B 102 -7.47 -11.75 7.93
N PHE B 103 -7.37 -12.78 7.09
CA PHE B 103 -8.37 -13.07 6.04
C PHE B 103 -9.46 -14.01 6.57
N GLY B 104 -10.70 -13.75 6.14
CA GLY B 104 -11.81 -14.65 6.33
C GLY B 104 -11.73 -15.85 5.39
N PRO B 105 -12.66 -16.83 5.52
CA PRO B 105 -12.59 -18.08 4.77
C PRO B 105 -13.09 -18.00 3.31
N GLY B 106 -13.68 -16.86 2.93
CA GLY B 106 -14.12 -16.61 1.58
C GLY B 106 -15.60 -16.92 1.37
N THR B 107 -16.18 -16.27 0.35
CA THR B 107 -17.57 -16.43 -0.04
C THR B 107 -17.63 -16.66 -1.56
N ARG B 108 -18.25 -17.77 -1.97
CA ARG B 108 -18.43 -18.08 -3.40
C ARG B 108 -19.77 -17.52 -3.87
N LEU B 109 -19.72 -16.64 -4.89
CA LEU B 109 -20.92 -16.05 -5.49
C LEU B 109 -20.99 -16.46 -6.97
N LEU B 110 -22.16 -16.95 -7.37
CA LEU B 110 -22.49 -17.21 -8.75
C LEU B 110 -23.72 -16.35 -9.11
N VAL B 111 -23.58 -15.52 -10.13
CA VAL B 111 -24.69 -14.75 -10.67
C VAL B 111 -25.10 -15.37 -12.00
N LEU B 112 -26.30 -15.97 -12.02
CA LEU B 112 -26.90 -16.59 -13.22
C LEU B 112 -27.71 -15.53 -13.98
N GLU B 113 -27.90 -15.76 -15.27
CA GLU B 113 -28.74 -14.87 -16.10
C GLU B 113 -30.21 -15.04 -15.71
N ASP B 114 -30.57 -16.27 -15.33
CA ASP B 114 -31.93 -16.70 -15.07
C ASP B 114 -31.91 -17.89 -14.09
N LEU B 115 -32.98 -18.06 -13.32
CA LEU B 115 -33.05 -19.07 -12.26
C LEU B 115 -33.92 -20.27 -12.69
N ARG B 116 -34.38 -20.31 -13.95
CA ARG B 116 -35.42 -21.25 -14.38
C ARG B 116 -34.97 -22.72 -14.22
N ASN B 117 -33.66 -22.98 -14.33
CA ASN B 117 -33.12 -24.34 -14.37
C ASN B 117 -32.62 -24.81 -12.98
N VAL B 118 -32.74 -23.95 -11.95
CA VAL B 118 -32.20 -24.28 -10.62
C VAL B 118 -32.97 -25.49 -10.07
N THR B 119 -32.24 -26.53 -9.65
CA THR B 119 -32.82 -27.80 -9.19
C THR B 119 -31.93 -28.40 -8.09
N PRO B 120 -32.51 -28.84 -6.96
CA PRO B 120 -31.71 -29.48 -5.90
C PRO B 120 -31.32 -30.91 -6.27
N PRO B 121 -30.31 -31.50 -5.61
CA PRO B 121 -29.90 -32.87 -5.90
C PRO B 121 -30.86 -33.94 -5.34
N LYS B 122 -30.86 -35.10 -6.01
CA LYS B 122 -31.20 -36.37 -5.41
C LYS B 122 -29.90 -36.96 -4.86
N VAL B 123 -29.98 -37.57 -3.68
CA VAL B 123 -28.81 -38.15 -3.04
C VAL B 123 -29.11 -39.61 -2.72
N SER B 124 -28.20 -40.50 -3.15
CA SER B 124 -28.26 -41.93 -2.93
C SER B 124 -26.95 -42.38 -2.27
N LEU B 125 -27.06 -43.29 -1.29
CA LEU B 125 -25.91 -43.89 -0.63
C LEU B 125 -25.83 -45.35 -1.04
N PHE B 126 -24.65 -45.76 -1.53
CA PHE B 126 -24.39 -47.10 -2.01
C PHE B 126 -23.52 -47.82 -0.98
N GLU B 127 -24.01 -48.97 -0.53
CA GLU B 127 -23.42 -49.70 0.57
C GLU B 127 -22.27 -50.56 0.05
N PRO B 128 -21.28 -50.88 0.92
CA PRO B 128 -20.08 -51.61 0.51
C PRO B 128 -20.36 -53.02 -0.04
N SER B 129 -19.64 -53.37 -1.12
CA SER B 129 -19.58 -54.71 -1.69
C SER B 129 -19.02 -55.70 -0.67
N LYS B 130 -19.74 -56.82 -0.50
CA LYS B 130 -19.26 -57.93 0.35
C LYS B 130 -17.96 -58.51 -0.24
N ALA B 131 -17.79 -58.40 -1.57
CA ALA B 131 -16.57 -58.83 -2.27
C ALA B 131 -15.36 -57.98 -1.84
N GLU B 132 -15.53 -56.66 -1.75
CA GLU B 132 -14.44 -55.77 -1.31
C GLU B 132 -14.01 -56.16 0.10
N ILE B 133 -14.99 -56.38 0.97
CA ILE B 133 -14.76 -56.68 2.38
C ILE B 133 -13.90 -57.95 2.50
N SER B 134 -14.26 -59.01 1.78
CA SER B 134 -13.55 -60.30 1.87
C SER B 134 -12.16 -60.18 1.23
N HIS B 135 -12.03 -59.36 0.18
CA HIS B 135 -10.78 -59.22 -0.59
C HIS B 135 -9.77 -58.31 0.11
N THR B 136 -10.24 -57.24 0.79
CA THR B 136 -9.36 -56.16 1.28
C THR B 136 -9.47 -55.93 2.80
N GLN B 137 -10.53 -56.46 3.43
CA GLN B 137 -10.91 -56.13 4.81
C GLN B 137 -11.18 -54.62 4.95
N LYS B 138 -11.64 -53.99 3.87
CA LYS B 138 -12.05 -52.59 3.86
C LYS B 138 -13.43 -52.50 3.22
N ALA B 139 -14.13 -51.40 3.53
CA ALA B 139 -15.49 -51.16 3.08
C ALA B 139 -15.61 -49.72 2.55
N THR B 140 -15.85 -49.59 1.24
CA THR B 140 -16.07 -48.28 0.60
C THR B 140 -17.56 -48.05 0.43
N LEU B 141 -18.05 -46.96 1.03
CA LEU B 141 -19.38 -46.41 0.77
C LEU B 141 -19.25 -45.36 -0.35
N VAL B 142 -20.26 -45.28 -1.22
CA VAL B 142 -20.30 -44.30 -2.27
C VAL B 142 -21.60 -43.50 -2.15
N CYS B 143 -21.43 -42.17 -2.22
CA CYS B 143 -22.52 -41.23 -2.25
C CYS B 143 -22.61 -40.61 -3.65
N LEU B 144 -23.84 -40.50 -4.15
CA LEU B 144 -24.11 -39.95 -5.46
C LEU B 144 -25.17 -38.85 -5.33
N ALA B 145 -24.80 -37.62 -5.71
CA ALA B 145 -25.73 -36.52 -5.85
C ALA B 145 -25.97 -36.29 -7.35
N THR B 146 -27.24 -36.28 -7.78
CA THR B 146 -27.57 -36.22 -9.20
C THR B 146 -28.68 -35.19 -9.45
N GLY B 147 -28.66 -34.64 -10.67
CA GLY B 147 -29.79 -33.89 -11.24
C GLY B 147 -29.88 -32.47 -10.72
N PHE B 148 -28.76 -31.92 -10.21
CA PHE B 148 -28.78 -30.60 -9.57
C PHE B 148 -28.22 -29.53 -10.51
N TYR B 149 -28.64 -28.29 -10.27
CA TYR B 149 -28.17 -27.12 -11.01
C TYR B 149 -28.42 -25.87 -10.17
N PRO B 150 -27.46 -24.94 -10.09
CA PRO B 150 -26.12 -25.02 -10.66
C PRO B 150 -25.23 -25.94 -9.80
N ASP B 151 -23.91 -25.79 -9.91
CA ASP B 151 -22.97 -26.78 -9.33
C ASP B 151 -22.47 -26.35 -7.93
N HIS B 152 -23.20 -25.47 -7.24
CA HIS B 152 -22.82 -24.97 -5.91
C HIS B 152 -23.38 -25.90 -4.84
N VAL B 153 -22.64 -26.98 -4.55
CA VAL B 153 -22.97 -27.95 -3.52
C VAL B 153 -21.74 -28.21 -2.64
N GLU B 154 -21.99 -28.58 -1.39
CA GLU B 154 -20.97 -29.05 -0.46
C GLU B 154 -21.39 -30.44 0.04
N LEU B 155 -20.59 -31.46 -0.29
CA LEU B 155 -20.84 -32.82 0.13
C LEU B 155 -19.98 -33.14 1.35
N SER B 156 -20.59 -33.70 2.39
CA SER B 156 -19.88 -34.08 3.61
C SER B 156 -20.40 -35.43 4.12
N TRP B 157 -19.54 -36.12 4.88
CA TRP B 157 -19.82 -37.42 5.48
C TRP B 157 -19.91 -37.29 7.00
N TRP B 158 -20.88 -38.00 7.58
CA TRP B 158 -21.18 -37.95 9.01
C TRP B 158 -21.35 -39.38 9.54
N VAL B 159 -20.57 -39.70 10.58
CA VAL B 159 -20.73 -40.95 11.30
C VAL B 159 -21.17 -40.62 12.74
N ASN B 160 -22.34 -41.14 13.12
CA ASN B 160 -22.90 -40.95 14.46
C ASN B 160 -22.97 -39.46 14.79
N GLY B 161 -23.37 -38.65 13.79
CA GLY B 161 -23.66 -37.24 13.97
C GLY B 161 -22.42 -36.36 14.04
N LYS B 162 -21.25 -36.89 13.70
CA LYS B 162 -20.02 -36.11 13.66
C LYS B 162 -19.35 -36.26 12.29
N GLU B 163 -18.87 -35.14 11.75
CA GLU B 163 -18.32 -35.09 10.41
C GLU B 163 -16.98 -35.83 10.40
N VAL B 164 -16.75 -36.58 9.31
CA VAL B 164 -15.51 -37.34 9.12
C VAL B 164 -14.82 -36.83 7.85
N HIS B 165 -13.49 -36.78 7.88
CA HIS B 165 -12.64 -36.36 6.75
C HIS B 165 -11.70 -37.50 6.33
N SER B 166 -11.17 -38.25 7.30
CA SER B 166 -10.29 -39.37 7.03
C SER B 166 -11.01 -40.43 6.18
N GLY B 167 -10.34 -40.89 5.13
CA GLY B 167 -10.83 -41.95 4.26
C GLY B 167 -11.86 -41.45 3.26
N VAL B 168 -11.94 -40.13 3.10
CA VAL B 168 -12.92 -39.51 2.22
C VAL B 168 -12.20 -38.96 0.99
N CYS B 169 -12.84 -39.09 -0.17
CA CYS B 169 -12.48 -38.26 -1.29
C CYS B 169 -13.72 -38.01 -2.15
N THR B 170 -13.91 -36.74 -2.50
CA THR B 170 -15.03 -36.25 -3.31
C THR B 170 -14.46 -35.76 -4.64
N ASP B 171 -15.19 -36.02 -5.73
CA ASP B 171 -14.76 -35.60 -7.08
C ASP B 171 -14.44 -34.12 -7.05
N PRO B 172 -13.34 -33.67 -7.68
CA PRO B 172 -12.94 -32.26 -7.64
C PRO B 172 -13.99 -31.34 -8.28
N GLN B 173 -14.72 -31.82 -9.30
CA GLN B 173 -15.79 -31.04 -9.92
C GLN B 173 -16.96 -31.94 -10.29
N PRO B 174 -18.22 -31.44 -10.20
CA PRO B 174 -19.38 -32.16 -10.71
C PRO B 174 -19.26 -32.41 -12.23
N LEU B 175 -19.82 -33.52 -12.70
CA LEU B 175 -19.87 -33.81 -14.14
C LEU B 175 -21.27 -33.48 -14.67
N LYS B 176 -21.33 -33.15 -15.97
CA LYS B 176 -22.58 -32.80 -16.63
C LYS B 176 -23.30 -34.10 -17.05
N GLU B 177 -24.62 -34.13 -16.82
CA GLU B 177 -25.45 -35.29 -17.14
C GLU B 177 -25.82 -35.27 -18.63
N GLN B 178 -25.96 -34.06 -19.19
CA GLN B 178 -26.23 -33.85 -20.62
C GLN B 178 -25.26 -32.79 -21.15
N PRO B 179 -24.00 -33.15 -21.46
CA PRO B 179 -22.98 -32.17 -21.86
C PRO B 179 -23.33 -31.37 -23.14
N ALA B 180 -24.27 -31.88 -23.95
CA ALA B 180 -24.73 -31.20 -25.16
C ALA B 180 -25.58 -29.97 -24.79
N LEU B 181 -26.40 -30.09 -23.75
CA LEU B 181 -27.38 -29.06 -23.37
C LEU B 181 -26.68 -27.87 -22.68
N ASN B 182 -27.31 -26.70 -22.78
CA ASN B 182 -26.75 -25.41 -22.34
C ASN B 182 -26.64 -25.38 -20.81
N ASP B 183 -27.76 -25.64 -20.14
CA ASP B 183 -27.85 -25.64 -18.68
C ASP B 183 -27.99 -27.08 -18.19
N SER B 184 -26.99 -27.92 -18.51
CA SER B 184 -26.98 -29.31 -18.09
C SER B 184 -27.04 -29.39 -16.57
N ARG B 185 -27.81 -30.36 -16.05
CA ARG B 185 -27.78 -30.70 -14.64
C ARG B 185 -26.45 -31.42 -14.36
N TYR B 186 -26.09 -31.53 -13.08
CA TYR B 186 -24.81 -32.08 -12.67
C TYR B 186 -24.99 -33.33 -11.80
N SER B 187 -23.97 -34.18 -11.81
CA SER B 187 -23.80 -35.26 -10.86
C SER B 187 -22.45 -35.09 -10.13
N LEU B 188 -22.41 -35.55 -8.87
CA LEU B 188 -21.20 -35.55 -8.06
C LEU B 188 -21.17 -36.83 -7.22
N SER B 189 -19.99 -37.46 -7.15
CA SER B 189 -19.80 -38.65 -6.35
C SER B 189 -18.75 -38.40 -5.28
N SER B 190 -18.85 -39.17 -4.20
CA SER B 190 -17.89 -39.16 -3.12
C SER B 190 -17.74 -40.59 -2.58
N ARG B 191 -16.57 -40.90 -2.03
CA ARG B 191 -16.35 -42.17 -1.37
C ARG B 191 -15.93 -41.93 0.09
N LEU B 192 -16.39 -42.82 0.97
CA LEU B 192 -15.87 -42.95 2.33
C LEU B 192 -15.43 -44.41 2.53
N ARG B 193 -14.15 -44.61 2.81
CA ARG B 193 -13.61 -45.94 3.02
C ARG B 193 -13.26 -46.12 4.50
N VAL B 194 -13.80 -47.19 5.10
CA VAL B 194 -13.58 -47.56 6.50
C VAL B 194 -13.12 -49.03 6.53
N SER B 195 -12.62 -49.46 7.69
CA SER B 195 -12.31 -50.88 7.92
C SER B 195 -13.62 -51.68 7.92
N ALA B 196 -13.54 -52.96 7.53
CA ALA B 196 -14.70 -53.86 7.48
C ALA B 196 -15.38 -53.91 8.86
N THR B 197 -14.58 -53.99 9.93
CA THR B 197 -15.10 -54.10 11.30
C THR B 197 -15.91 -52.85 11.68
N PHE B 198 -15.53 -51.69 11.13
CA PHE B 198 -16.22 -50.43 11.39
C PHE B 198 -17.59 -50.42 10.68
N TRP B 199 -17.60 -50.81 9.41
CA TRP B 199 -18.83 -50.95 8.65
C TRP B 199 -19.72 -52.05 9.26
N GLN B 200 -19.11 -53.08 9.84
CA GLN B 200 -19.84 -54.26 10.32
C GLN B 200 -20.53 -53.98 11.66
N ASN B 201 -20.15 -52.87 12.30
CA ASN B 201 -20.68 -52.48 13.61
C ASN B 201 -22.05 -51.83 13.43
N PRO B 202 -23.15 -52.48 13.89
CA PRO B 202 -24.50 -51.96 13.70
C PRO B 202 -24.86 -50.74 14.56
N ARG B 203 -23.94 -50.30 15.42
CA ARG B 203 -24.10 -49.05 16.17
C ARG B 203 -23.58 -47.85 15.35
N ASN B 204 -22.99 -48.10 14.18
CA ASN B 204 -22.44 -47.05 13.34
C ASN B 204 -23.48 -46.58 12.31
N HIS B 205 -23.89 -45.32 12.44
CA HIS B 205 -24.83 -44.68 11.54
C HIS B 205 -24.06 -43.79 10.55
N PHE B 206 -24.19 -44.11 9.26
CA PHE B 206 -23.49 -43.39 8.19
C PHE B 206 -24.47 -42.49 7.46
N ARG B 207 -24.06 -41.24 7.20
CA ARG B 207 -24.85 -40.31 6.41
C ARG B 207 -23.94 -39.52 5.47
N CYS B 208 -24.37 -39.45 4.20
CA CYS B 208 -23.87 -38.53 3.21
C CYS B 208 -24.84 -37.36 3.09
N GLN B 209 -24.33 -36.14 3.27
CA GLN B 209 -25.12 -34.91 3.25
C GLN B 209 -24.64 -34.02 2.10
N VAL B 210 -25.58 -33.47 1.34
CA VAL B 210 -25.29 -32.45 0.34
C VAL B 210 -26.03 -31.17 0.69
N GLN B 211 -25.27 -30.14 1.04
CA GLN B 211 -25.78 -28.78 1.14
C GLN B 211 -25.87 -28.21 -0.27
N PHE B 212 -27.10 -27.88 -0.71
CA PHE B 212 -27.35 -27.28 -2.00
C PHE B 212 -27.61 -25.79 -1.82
N TYR B 213 -27.01 -24.97 -2.69
CA TYR B 213 -27.23 -23.54 -2.70
C TYR B 213 -28.11 -23.21 -3.92
N GLY B 214 -29.27 -22.60 -3.63
CA GLY B 214 -30.26 -22.27 -4.63
C GLY B 214 -30.95 -20.97 -4.29
N LEU B 215 -32.28 -20.95 -4.41
CA LEU B 215 -33.06 -19.72 -4.24
C LEU B 215 -33.22 -19.41 -2.75
N SER B 216 -33.43 -18.13 -2.46
CA SER B 216 -33.80 -17.65 -1.14
C SER B 216 -35.32 -17.63 -1.01
N GLU B 217 -35.80 -17.31 0.20
CA GLU B 217 -37.22 -17.16 0.51
C GLU B 217 -37.87 -16.08 -0.36
N ASN B 218 -37.13 -14.99 -0.62
N ASN B 218 -37.13 -14.99 -0.60
CA ASN B 218 -37.65 -13.78 -1.25
CA ASN B 218 -37.63 -13.78 -1.25
C ASN B 218 -37.47 -13.81 -2.78
C ASN B 218 -37.55 -13.88 -2.78
N ASP B 219 -36.80 -14.86 -3.30
CA ASP B 219 -36.68 -15.03 -4.76
C ASP B 219 -38.04 -15.43 -5.33
N GLU B 220 -38.44 -14.80 -6.45
CA GLU B 220 -39.71 -15.08 -7.09
C GLU B 220 -39.62 -16.42 -7.82
N TRP B 221 -40.72 -17.19 -7.80
CA TRP B 221 -40.80 -18.48 -8.48
C TRP B 221 -42.16 -18.59 -9.18
N THR B 222 -42.13 -18.79 -10.51
CA THR B 222 -43.34 -18.75 -11.35
C THR B 222 -43.70 -20.14 -11.90
N GLN B 223 -42.79 -21.11 -11.78
CA GLN B 223 -43.00 -22.47 -12.28
C GLN B 223 -43.83 -23.26 -11.25
N ASP B 224 -44.37 -24.40 -11.73
CA ASP B 224 -45.31 -25.22 -10.96
C ASP B 224 -44.56 -26.07 -9.93
N ARG B 225 -43.38 -26.58 -10.31
CA ARG B 225 -42.57 -27.45 -9.44
C ARG B 225 -42.18 -26.69 -8.17
N ALA B 226 -41.80 -27.45 -7.13
CA ALA B 226 -41.36 -26.90 -5.85
C ALA B 226 -40.23 -25.88 -6.08
N LYS B 227 -40.28 -24.79 -5.32
CA LYS B 227 -39.26 -23.75 -5.38
C LYS B 227 -37.92 -24.35 -4.94
N PRO B 228 -36.88 -24.34 -5.81
CA PRO B 228 -35.60 -25.00 -5.51
C PRO B 228 -34.70 -24.16 -4.58
N VAL B 229 -35.11 -24.07 -3.31
CA VAL B 229 -34.45 -23.25 -2.32
C VAL B 229 -33.17 -23.94 -1.85
N THR B 230 -32.26 -23.15 -1.29
CA THR B 230 -31.11 -23.62 -0.51
C THR B 230 -31.62 -24.66 0.49
N GLN B 231 -31.00 -25.84 0.53
CA GLN B 231 -31.45 -26.96 1.34
C GLN B 231 -30.40 -28.06 1.42
N ILE B 232 -30.54 -28.90 2.45
CA ILE B 232 -29.75 -30.11 2.64
C ILE B 232 -30.59 -31.29 2.12
N VAL B 233 -29.92 -32.17 1.37
CA VAL B 233 -30.46 -33.46 0.97
C VAL B 233 -29.44 -34.50 1.43
N SER B 234 -29.91 -35.59 2.04
CA SER B 234 -28.99 -36.60 2.58
C SER B 234 -29.55 -38.02 2.40
N ALA B 235 -28.66 -39.00 2.55
CA ALA B 235 -28.98 -40.41 2.53
C ALA B 235 -28.12 -41.10 3.60
N GLU B 236 -28.67 -42.15 4.19
CA GLU B 236 -28.06 -42.76 5.35
C GLU B 236 -28.19 -44.28 5.29
N ALA B 237 -27.35 -44.95 6.08
CA ALA B 237 -27.40 -46.38 6.28
C ALA B 237 -26.66 -46.73 7.57
N TRP B 238 -27.12 -47.79 8.23
CA TRP B 238 -26.47 -48.33 9.41
C TRP B 238 -25.49 -49.43 9.00
N GLY B 239 -24.40 -49.55 9.74
CA GLY B 239 -23.54 -50.71 9.65
C GLY B 239 -24.31 -52.00 9.94
N ARG B 240 -23.72 -53.13 9.57
CA ARG B 240 -24.36 -54.46 9.65
C ARG B 240 -23.30 -55.55 9.51
N ALA B 241 -23.47 -56.65 10.26
CA ALA B 241 -22.55 -57.79 10.26
C ALA B 241 -22.46 -58.39 8.86
N ASN C 7 30.00 27.02 14.15
CA ASN C 7 28.88 26.02 14.17
C ASN C 7 27.94 26.30 12.99
N TYR C 8 27.59 25.22 12.26
CA TYR C 8 26.75 25.31 11.09
C TYR C 8 25.53 24.40 11.28
N THR C 9 24.35 24.93 10.93
CA THR C 9 23.12 24.17 10.91
C THR C 9 22.78 23.79 9.46
N PHE C 10 22.66 22.48 9.25
CA PHE C 10 22.24 21.89 8.01
C PHE C 10 20.73 21.61 8.10
N ARG C 11 19.96 22.17 7.17
CA ARG C 11 18.49 22.10 7.18
C ARG C 11 17.98 21.62 5.82
N CYS C 12 17.29 20.49 5.81
CA CYS C 12 16.47 20.03 4.71
C CYS C 12 15.02 20.44 4.96
N LEU C 13 14.50 21.31 4.09
CA LEU C 13 13.17 21.88 4.24
C LEU C 13 12.27 21.31 3.14
N GLN C 14 11.20 20.61 3.55
CA GLN C 14 10.22 20.04 2.67
C GLN C 14 8.89 20.78 2.88
N MET C 15 8.26 21.15 1.75
CA MET C 15 6.96 21.79 1.70
C MET C 15 6.06 20.94 0.81
N SER C 16 4.96 20.43 1.38
CA SER C 16 4.04 19.59 0.66
C SER C 16 2.63 20.19 0.75
N SER C 17 2.03 20.43 -0.42
N SER C 17 2.03 20.40 -0.43
CA SER C 17 0.67 20.96 -0.55
CA SER C 17 0.68 20.95 -0.57
C SER C 17 -0.26 19.86 -1.09
C SER C 17 -0.26 19.88 -1.11
N PHE C 18 -1.36 19.61 -0.37
CA PHE C 18 -2.40 18.68 -0.79
C PHE C 18 -3.71 19.47 -0.96
N ALA C 19 -4.11 19.73 -2.21
CA ALA C 19 -5.24 20.62 -2.51
C ALA C 19 -6.57 19.87 -2.32
N ASN C 20 -6.58 18.59 -2.70
CA ASN C 20 -7.74 17.70 -2.61
C ASN C 20 -7.23 16.25 -2.69
N ARG C 21 -8.14 15.28 -2.82
CA ARG C 21 -7.81 13.85 -2.79
C ARG C 21 -6.79 13.48 -3.89
N SER C 22 -6.78 14.19 -5.02
CA SER C 22 -5.95 13.80 -6.17
C SER C 22 -4.67 14.64 -6.28
N TRP C 23 -4.80 15.97 -6.16
CA TRP C 23 -3.72 16.93 -6.47
C TRP C 23 -2.78 17.13 -5.26
N SER C 24 -1.48 16.96 -5.50
CA SER C 24 -0.48 17.34 -4.50
C SER C 24 0.86 17.67 -5.17
N ARG C 25 1.71 18.42 -4.46
CA ARG C 25 3.09 18.61 -4.86
C ARG C 25 3.97 18.74 -3.60
N THR C 26 5.21 18.27 -3.75
CA THR C 26 6.23 18.33 -2.73
C THR C 26 7.48 18.98 -3.35
N ASP C 27 7.97 20.03 -2.69
CA ASP C 27 9.18 20.74 -3.09
C ASP C 27 10.10 20.86 -1.87
N SER C 28 11.40 20.68 -2.10
CA SER C 28 12.41 20.72 -1.03
C SER C 28 13.57 21.63 -1.41
N VAL C 29 14.13 22.29 -0.40
CA VAL C 29 15.38 23.06 -0.50
C VAL C 29 16.28 22.64 0.67
N VAL C 30 17.59 22.70 0.45
CA VAL C 30 18.56 22.34 1.48
C VAL C 30 19.52 23.51 1.69
N TRP C 31 19.78 23.83 2.96
CA TRP C 31 20.64 24.94 3.41
C TRP C 31 21.76 24.41 4.31
N LEU C 32 22.99 24.87 4.08
CA LEU C 32 24.08 24.78 5.02
C LEU C 32 24.41 26.19 5.49
N GLY C 33 24.06 26.49 6.74
CA GLY C 33 23.97 27.86 7.21
C GLY C 33 22.96 28.65 6.38
N ASP C 34 23.41 29.72 5.74
CA ASP C 34 22.55 30.54 4.88
C ASP C 34 22.89 30.34 3.39
N LEU C 35 23.63 29.28 3.05
CA LEU C 35 23.93 28.95 1.62
C LEU C 35 23.11 27.73 1.19
N GLN C 36 22.42 27.85 0.04
CA GLN C 36 21.62 26.77 -0.51
C GLN C 36 22.54 25.75 -1.20
N THR C 37 22.36 24.47 -0.85
CA THR C 37 23.18 23.39 -1.36
C THR C 37 22.39 22.49 -2.32
N HIS C 38 21.08 22.36 -2.10
CA HIS C 38 20.25 21.51 -2.96
C HIS C 38 18.87 22.12 -3.19
N ARG C 39 18.25 21.68 -4.28
CA ARG C 39 16.89 21.95 -4.63
C ARG C 39 16.30 20.64 -5.17
N TRP C 40 15.05 20.37 -4.81
CA TRP C 40 14.33 19.25 -5.38
C TRP C 40 12.89 19.66 -5.69
N SER C 41 12.66 20.07 -6.93
N SER C 41 12.66 20.07 -6.94
CA SER C 41 11.35 20.46 -7.41
CA SER C 41 11.35 20.46 -7.43
C SER C 41 10.46 19.22 -7.55
C SER C 41 10.46 19.22 -7.55
N ASN C 42 9.16 19.40 -7.36
CA ASN C 42 8.17 18.34 -7.59
C ASN C 42 8.31 17.80 -9.02
N ASP C 43 8.67 18.69 -9.96
CA ASP C 43 8.73 18.39 -11.39
C ASP C 43 9.96 17.53 -11.74
N SER C 44 10.91 17.40 -10.80
CA SER C 44 12.19 16.73 -11.08
C SER C 44 12.24 15.35 -10.41
N ALA C 45 12.71 14.34 -11.16
CA ALA C 45 12.89 12.97 -10.65
C ALA C 45 14.07 12.90 -9.68
N THR C 46 15.04 13.82 -9.84
CA THR C 46 16.30 13.77 -9.14
C THR C 46 16.50 15.07 -8.32
N ILE C 47 17.32 14.96 -7.28
CA ILE C 47 17.75 16.09 -6.45
C ILE C 47 18.80 16.89 -7.23
N SER C 48 18.64 18.22 -7.27
CA SER C 48 19.58 19.11 -7.96
C SER C 48 20.60 19.71 -6.97
N PHE C 49 21.87 19.63 -7.35
CA PHE C 49 22.95 20.35 -6.68
C PHE C 49 22.89 21.83 -7.06
N THR C 50 23.02 22.72 -6.06
CA THR C 50 23.05 24.15 -6.32
C THR C 50 24.45 24.72 -6.04
N LYS C 51 25.40 23.85 -5.68
CA LYS C 51 26.81 24.21 -5.57
C LYS C 51 27.65 23.13 -6.24
N PRO C 52 28.88 23.46 -6.70
CA PRO C 52 29.80 22.44 -7.19
C PRO C 52 30.08 21.32 -6.17
N TRP C 53 30.00 21.66 -4.88
CA TRP C 53 30.44 20.79 -3.77
C TRP C 53 29.26 20.12 -3.04
N SER C 54 28.06 20.17 -3.62
CA SER C 54 26.81 19.73 -2.97
C SER C 54 26.78 18.21 -2.71
N GLN C 55 27.62 17.43 -3.40
CA GLN C 55 27.72 15.98 -3.19
C GLN C 55 28.57 15.68 -1.94
N GLY C 56 29.26 16.71 -1.41
CA GLY C 56 30.16 16.55 -0.30
C GLY C 56 31.29 15.58 -0.65
N LYS C 57 31.57 14.66 0.27
CA LYS C 57 32.61 13.66 0.09
C LYS C 57 32.01 12.27 -0.18
N LEU C 58 30.71 12.21 -0.51
CA LEU C 58 30.07 10.94 -0.87
C LEU C 58 30.54 10.53 -2.28
N SER C 59 30.86 9.23 -2.43
CA SER C 59 31.08 8.63 -3.74
C SER C 59 29.77 8.69 -4.53
N ASN C 60 29.89 8.51 -5.85
CA ASN C 60 28.74 8.49 -6.74
C ASN C 60 27.77 7.38 -6.31
N GLN C 61 28.31 6.22 -5.92
CA GLN C 61 27.47 5.09 -5.52
C GLN C 61 26.73 5.42 -4.23
N GLN C 62 27.38 6.12 -3.29
CA GLN C 62 26.78 6.50 -2.02
C GLN C 62 25.65 7.51 -2.25
N TRP C 63 25.90 8.48 -3.15
CA TRP C 63 24.92 9.51 -3.46
C TRP C 63 23.71 8.91 -4.18
N GLU C 64 23.96 8.04 -5.17
CA GLU C 64 22.88 7.42 -5.93
C GLU C 64 21.97 6.64 -4.99
N LYS C 65 22.57 5.91 -4.04
CA LYS C 65 21.84 5.10 -3.05
C LYS C 65 21.00 6.00 -2.13
N LEU C 66 21.57 7.14 -1.72
CA LEU C 66 20.90 8.09 -0.83
C LEU C 66 19.73 8.74 -1.59
N GLN C 67 19.99 9.15 -2.84
CA GLN C 67 18.99 9.77 -3.67
C GLN C 67 17.82 8.81 -3.88
N HIS C 68 18.13 7.52 -4.13
CA HIS C 68 17.11 6.49 -4.39
C HIS C 68 16.16 6.39 -3.20
N MET C 69 16.74 6.33 -2.00
CA MET C 69 16.00 6.30 -0.75
C MET C 69 15.03 7.49 -0.69
N PHE C 70 15.50 8.69 -1.04
CA PHE C 70 14.67 9.88 -1.04
C PHE C 70 13.58 9.81 -2.11
N GLN C 71 13.91 9.26 -3.29
CA GLN C 71 12.94 9.12 -4.39
C GLN C 71 11.77 8.23 -3.95
N VAL C 72 12.07 7.13 -3.26
CA VAL C 72 11.05 6.21 -2.73
C VAL C 72 10.25 6.93 -1.64
N TYR C 73 10.96 7.69 -0.79
CA TYR C 73 10.35 8.44 0.29
C TYR C 73 9.27 9.40 -0.26
N ARG C 74 9.60 10.16 -1.31
CA ARG C 74 8.71 11.23 -1.75
C ARG C 74 7.36 10.66 -2.23
N VAL C 75 7.42 9.59 -3.03
CA VAL C 75 6.21 8.91 -3.53
C VAL C 75 5.45 8.30 -2.35
N SER C 76 6.16 7.63 -1.45
CA SER C 76 5.56 6.93 -0.33
C SER C 76 4.88 7.93 0.62
N PHE C 77 5.57 9.03 0.90
CA PHE C 77 5.07 10.11 1.77
C PHE C 77 3.71 10.62 1.26
N THR C 78 3.64 10.87 -0.05
CA THR C 78 2.48 11.42 -0.71
C THR C 78 1.26 10.50 -0.48
N ARG C 79 1.44 9.20 -0.71
CA ARG C 79 0.35 8.23 -0.55
C ARG C 79 -0.04 8.11 0.94
N ASP C 80 0.96 8.11 1.83
CA ASP C 80 0.72 7.95 3.26
C ASP C 80 -0.14 9.10 3.80
N ILE C 81 0.15 10.35 3.39
CA ILE C 81 -0.64 11.50 3.83
C ILE C 81 -2.09 11.33 3.33
N GLN C 82 -2.24 10.96 2.06
CA GLN C 82 -3.56 10.76 1.47
C GLN C 82 -4.32 9.68 2.23
N GLU C 83 -3.63 8.61 2.65
CA GLU C 83 -4.28 7.52 3.36
C GLU C 83 -4.63 7.98 4.80
N LEU C 84 -3.73 8.74 5.42
CA LEU C 84 -3.94 9.21 6.80
C LEU C 84 -5.16 10.15 6.84
N VAL C 85 -5.34 10.95 5.77
CA VAL C 85 -6.49 11.84 5.67
C VAL C 85 -7.78 11.00 5.63
N LYS C 86 -7.78 9.93 4.81
CA LYS C 86 -8.90 8.99 4.76
C LYS C 86 -9.17 8.39 6.14
N MET C 87 -8.09 8.04 6.85
CA MET C 87 -8.16 7.35 8.13
C MET C 87 -8.82 8.24 9.20
N MET C 88 -8.55 9.55 9.15
CA MET C 88 -9.02 10.48 10.19
C MET C 88 -10.33 11.16 9.75
N SER C 89 -10.81 10.85 8.54
CA SER C 89 -12.02 11.47 7.98
C SER C 89 -13.22 11.22 8.89
N PRO C 90 -14.07 12.24 9.09
CA PRO C 90 -14.01 13.55 8.45
C PRO C 90 -13.36 14.66 9.30
N LYS C 91 -12.58 14.27 10.32
CA LYS C 91 -11.90 15.18 11.24
C LYS C 91 -11.10 16.23 10.47
N GLU C 92 -10.26 15.77 9.53
CA GLU C 92 -9.36 16.63 8.78
C GLU C 92 -9.67 16.50 7.29
N ASP C 93 -9.79 17.65 6.63
CA ASP C 93 -10.08 17.71 5.21
C ASP C 93 -9.01 18.57 4.52
N TYR C 94 -8.96 18.45 3.19
CA TYR C 94 -8.15 19.27 2.32
C TYR C 94 -8.74 20.69 2.31
N PRO C 95 -7.93 21.72 2.02
CA PRO C 95 -6.52 21.62 1.70
C PRO C 95 -5.64 21.44 2.94
N ILE C 96 -4.46 20.83 2.75
CA ILE C 96 -3.53 20.51 3.82
C ILE C 96 -2.12 20.91 3.37
N GLU C 97 -1.41 21.59 4.27
CA GLU C 97 0.01 21.86 4.11
C GLU C 97 0.78 21.10 5.18
N ILE C 98 1.79 20.34 4.74
CA ILE C 98 2.73 19.68 5.63
C ILE C 98 4.14 20.22 5.32
N GLN C 99 4.88 20.57 6.38
CA GLN C 99 6.24 21.02 6.27
C GLN C 99 7.12 20.11 7.15
N LEU C 100 8.31 19.77 6.62
CA LEU C 100 9.33 19.08 7.38
C LEU C 100 10.61 19.93 7.40
N SER C 101 11.23 19.98 8.57
CA SER C 101 12.54 20.55 8.78
C SER C 101 13.41 19.48 9.46
N ALA C 102 14.39 18.96 8.72
CA ALA C 102 15.22 17.89 9.17
C ALA C 102 16.68 18.25 8.90
N GLY C 103 17.58 17.78 9.77
CA GLY C 103 18.99 17.99 9.59
C GLY C 103 19.75 17.80 10.88
N CYS C 104 20.89 18.49 10.97
CA CYS C 104 21.77 18.37 12.11
C CYS C 104 22.52 19.71 12.31
N GLU C 105 22.80 20.02 13.58
CA GLU C 105 23.64 21.14 13.96
C GLU C 105 25.02 20.57 14.33
N MET C 106 26.07 21.11 13.71
CA MET C 106 27.43 20.61 13.83
C MET C 106 28.20 21.46 14.85
N TYR C 107 28.85 20.79 15.79
CA TYR C 107 29.59 21.39 16.90
C TYR C 107 31.07 21.01 16.78
N PRO C 108 32.01 21.74 17.45
CA PRO C 108 33.43 21.42 17.36
C PRO C 108 33.77 20.01 17.84
N GLY C 109 34.64 19.33 17.10
CA GLY C 109 35.21 18.05 17.51
C GLY C 109 34.17 16.94 17.61
N ASN C 110 33.58 16.59 16.46
CA ASN C 110 32.79 15.36 16.26
C ASN C 110 31.44 15.38 16.99
N ALA C 111 31.08 16.51 17.62
CA ALA C 111 29.78 16.62 18.28
C ALA C 111 28.74 17.11 17.27
N SER C 112 27.51 16.58 17.36
CA SER C 112 26.38 17.06 16.58
C SER C 112 25.06 16.67 17.26
N GLU C 113 23.99 17.37 16.88
CA GLU C 113 22.61 17.06 17.27
C GLU C 113 21.73 17.07 16.02
N SER C 114 20.92 16.02 15.85
CA SER C 114 20.04 15.88 14.69
C SER C 114 18.59 16.18 15.10
N PHE C 115 17.76 16.54 14.12
CA PHE C 115 16.36 16.87 14.38
C PHE C 115 15.52 16.53 13.14
N LEU C 116 14.25 16.26 13.38
CA LEU C 116 13.25 16.05 12.35
C LEU C 116 11.91 16.52 12.91
N HIS C 117 11.52 17.73 12.49
CA HIS C 117 10.34 18.41 12.96
C HIS C 117 9.32 18.48 11.83
N VAL C 118 8.04 18.26 12.18
CA VAL C 118 6.94 18.23 11.22
C VAL C 118 5.86 19.23 11.67
N ALA C 119 5.44 20.08 10.73
CA ALA C 119 4.35 21.03 10.93
C ALA C 119 3.16 20.63 10.06
N PHE C 120 1.97 20.76 10.65
CA PHE C 120 0.70 20.50 10.00
C PHE C 120 -0.10 21.82 9.99
N GLN C 121 -0.48 22.28 8.79
CA GLN C 121 -1.16 23.56 8.59
C GLN C 121 -0.39 24.68 9.31
N GLY C 122 0.95 24.61 9.26
CA GLY C 122 1.82 25.68 9.73
C GLY C 122 2.11 25.64 11.22
N LYS C 123 1.72 24.56 11.91
CA LYS C 123 1.97 24.39 13.34
C LYS C 123 2.83 23.14 13.57
N TYR C 124 3.91 23.32 14.32
CA TYR C 124 4.81 22.25 14.74
C TYR C 124 4.06 21.30 15.67
N VAL C 125 3.85 20.05 15.23
CA VAL C 125 3.01 19.08 15.97
C VAL C 125 3.75 17.76 16.25
N VAL C 126 4.73 17.39 15.41
CA VAL C 126 5.33 16.06 15.45
C VAL C 126 6.85 16.17 15.27
N ARG C 127 7.60 15.32 15.99
CA ARG C 127 9.01 15.14 15.74
C ARG C 127 9.36 13.66 15.78
N PHE C 128 10.51 13.32 15.18
CA PHE C 128 11.16 12.06 15.43
C PHE C 128 12.16 12.28 16.57
N TRP C 129 12.08 11.41 17.57
CA TRP C 129 12.91 11.52 18.77
C TRP C 129 13.29 10.12 19.24
N GLY C 130 14.60 9.85 19.28
CA GLY C 130 15.11 8.58 19.73
C GLY C 130 14.88 7.49 18.70
N THR C 131 13.82 6.71 18.89
CA THR C 131 13.51 5.57 18.02
C THR C 131 12.08 5.62 17.49
N SER C 132 11.36 6.74 17.69
CA SER C 132 9.94 6.79 17.32
C SER C 132 9.47 8.22 17.04
N TRP C 133 8.31 8.31 16.38
CA TRP C 133 7.55 9.54 16.21
C TRP C 133 6.81 9.86 17.51
N GLN C 134 6.75 11.16 17.86
CA GLN C 134 5.95 11.61 19.00
C GLN C 134 5.33 12.97 18.66
N THR C 135 4.17 13.25 19.27
CA THR C 135 3.62 14.59 19.26
C THR C 135 4.38 15.44 20.28
N VAL C 136 4.36 16.76 20.05
CA VAL C 136 4.99 17.72 20.94
C VAL C 136 3.89 18.45 21.72
N PRO C 137 4.23 19.18 22.81
CA PRO C 137 3.21 19.91 23.58
C PRO C 137 2.35 20.84 22.71
N GLY C 138 1.04 20.81 22.94
CA GLY C 138 0.11 21.68 22.24
C GLY C 138 -0.53 21.01 21.03
N ALA C 139 -0.06 19.83 20.65
CA ALA C 139 -0.56 19.13 19.46
C ALA C 139 -1.94 18.55 19.75
N PRO C 140 -2.86 18.52 18.77
CA PRO C 140 -4.18 17.94 18.99
C PRO C 140 -4.12 16.42 19.16
N SER C 141 -5.08 15.89 19.92
CA SER C 141 -5.13 14.49 20.33
C SER C 141 -5.34 13.54 19.14
N TRP C 142 -6.04 14.00 18.09
CA TRP C 142 -6.38 13.13 16.95
C TRP C 142 -5.10 12.57 16.29
N LEU C 143 -3.96 13.27 16.44
CA LEU C 143 -2.68 12.85 15.88
C LEU C 143 -2.17 11.54 16.52
N ASP C 144 -2.71 11.16 17.68
CA ASP C 144 -2.32 9.92 18.36
C ASP C 144 -2.53 8.69 17.44
N LEU C 145 -3.53 8.71 16.55
CA LEU C 145 -3.77 7.56 15.66
C LEU C 145 -2.71 7.55 14.56
N PRO C 146 -2.50 8.62 13.76
CA PRO C 146 -1.36 8.69 12.85
C PRO C 146 -0.02 8.29 13.48
N ILE C 147 0.26 8.75 14.71
CA ILE C 147 1.51 8.41 15.40
C ILE C 147 1.58 6.90 15.61
N LYS C 148 0.46 6.29 16.03
CA LYS C 148 0.40 4.85 16.28
C LYS C 148 0.72 4.08 14.99
N VAL C 149 0.13 4.53 13.88
CA VAL C 149 0.28 3.88 12.58
C VAL C 149 1.72 4.04 12.08
N LEU C 150 2.26 5.26 12.18
CA LEU C 150 3.64 5.55 11.76
C LEU C 150 4.62 4.72 12.60
N ASN C 151 4.34 4.57 13.90
CA ASN C 151 5.25 3.88 14.81
C ASN C 151 5.15 2.35 14.63
N ALA C 152 4.14 1.86 13.91
CA ALA C 152 4.06 0.44 13.60
C ALA C 152 5.10 0.05 12.54
N ASP C 153 5.58 1.04 11.77
CA ASP C 153 6.51 0.81 10.65
C ASP C 153 7.97 0.78 11.17
N GLN C 154 8.42 -0.42 11.55
CA GLN C 154 9.76 -0.62 12.12
C GLN C 154 10.84 -0.26 11.09
N GLY C 155 10.57 -0.55 9.81
CA GLY C 155 11.50 -0.30 8.71
C GLY C 155 11.80 1.18 8.54
N THR C 156 10.77 2.03 8.59
CA THR C 156 10.95 3.49 8.51
C THR C 156 11.72 3.98 9.74
N SER C 157 11.38 3.49 10.93
CA SER C 157 12.05 3.88 12.16
C SER C 157 13.57 3.61 12.05
N ALA C 158 13.95 2.41 11.61
CA ALA C 158 15.37 2.04 11.46
C ALA C 158 16.08 2.98 10.47
N THR C 159 15.45 3.25 9.33
CA THR C 159 16.03 4.10 8.29
C THR C 159 16.23 5.52 8.83
N VAL C 160 15.22 6.06 9.53
CA VAL C 160 15.28 7.44 10.00
C VAL C 160 16.38 7.55 11.07
N GLN C 161 16.42 6.59 12.00
CA GLN C 161 17.46 6.58 13.04
C GLN C 161 18.85 6.69 12.40
N MET C 162 19.07 5.91 11.32
CA MET C 162 20.35 5.86 10.62
C MET C 162 20.62 7.21 9.92
N LEU C 163 19.58 7.77 9.29
CA LEU C 163 19.69 9.04 8.58
CA LEU C 163 19.68 9.04 8.57
C LEU C 163 20.11 10.15 9.56
N LEU C 164 19.41 10.22 10.70
CA LEU C 164 19.62 11.30 11.67
C LEU C 164 20.93 11.10 12.45
N ASN C 165 21.18 9.88 12.93
CA ASN C 165 22.29 9.60 13.84
C ASN C 165 23.62 9.57 13.10
N ASP C 166 23.63 8.97 11.90
CA ASP C 166 24.86 8.60 11.19
C ASP C 166 25.02 9.40 9.90
N THR C 167 24.07 9.23 8.96
CA THR C 167 24.21 9.79 7.62
C THR C 167 24.38 11.32 7.68
N CYS C 168 23.51 12.00 8.44
CA CYS C 168 23.48 13.48 8.44
C CYS C 168 24.82 14.04 8.88
N PRO C 169 25.31 13.75 10.12
CA PRO C 169 26.58 14.30 10.56
C PRO C 169 27.74 13.98 9.61
N LEU C 170 27.81 12.74 9.13
CA LEU C 170 28.87 12.29 8.22
CA LEU C 170 28.88 12.31 8.25
C LEU C 170 28.81 13.11 6.93
N PHE C 171 27.61 13.24 6.37
CA PHE C 171 27.42 13.96 5.12
C PHE C 171 27.85 15.42 5.27
N VAL C 172 27.41 16.05 6.37
CA VAL C 172 27.64 17.49 6.58
C VAL C 172 29.13 17.74 6.83
N ARG C 173 29.81 16.84 7.54
CA ARG C 173 31.25 16.97 7.79
C ARG C 173 31.98 17.11 6.45
N GLY C 174 31.62 16.25 5.49
CA GLY C 174 32.15 16.27 4.13
C GLY C 174 31.81 17.55 3.39
N LEU C 175 30.59 18.06 3.59
CA LEU C 175 30.11 19.30 2.96
C LEU C 175 30.98 20.47 3.43
N LEU C 176 31.23 20.54 4.75
CA LEU C 176 32.00 21.63 5.34
C LEU C 176 33.43 21.64 4.76
N GLU C 177 34.01 20.45 4.55
CA GLU C 177 35.33 20.33 3.92
C GLU C 177 35.27 20.77 2.45
N ALA C 178 34.32 20.20 1.71
CA ALA C 178 34.23 20.42 0.26
C ALA C 178 33.86 21.88 -0.06
N GLY C 179 33.03 22.50 0.79
CA GLY C 179 32.48 23.83 0.52
C GLY C 179 33.20 24.94 1.26
N LYS C 180 34.38 24.63 1.82
CA LYS C 180 35.13 25.51 2.74
C LYS C 180 35.28 26.91 2.14
N SER C 181 35.73 26.99 0.88
CA SER C 181 36.09 28.27 0.25
C SER C 181 34.85 29.16 0.05
N ASP C 182 33.69 28.56 -0.22
CA ASP C 182 32.42 29.30 -0.32
C ASP C 182 31.94 29.71 1.08
N LEU C 183 31.99 28.77 2.03
CA LEU C 183 31.46 29.00 3.37
C LEU C 183 32.23 30.14 4.05
N GLU C 184 33.53 30.27 3.74
CA GLU C 184 34.43 31.23 4.38
C GLU C 184 34.65 32.46 3.50
N LYS C 185 33.85 32.64 2.46
CA LYS C 185 33.99 33.78 1.55
C LYS C 185 33.74 35.08 2.33
N GLN C 186 34.45 36.14 1.91
CA GLN C 186 34.29 37.49 2.41
C GLN C 186 33.91 38.40 1.23
N GLU C 187 32.74 39.04 1.33
CA GLU C 187 32.27 40.01 0.32
C GLU C 187 32.03 41.35 1.02
N LYS C 188 32.47 42.44 0.39
CA LYS C 188 32.49 43.75 1.02
C LYS C 188 31.14 44.43 0.92
N PRO C 189 30.65 45.10 1.98
CA PRO C 189 29.49 45.98 1.87
C PRO C 189 29.84 47.23 1.04
N VAL C 190 28.83 47.73 0.30
CA VAL C 190 28.84 49.07 -0.26
C VAL C 190 27.64 49.81 0.36
N ALA C 191 27.86 51.07 0.73
CA ALA C 191 26.84 51.84 1.42
C ALA C 191 26.45 53.06 0.59
N TRP C 192 25.24 53.56 0.82
CA TRP C 192 24.78 54.83 0.27
C TRP C 192 23.68 55.40 1.16
N LEU C 193 23.51 56.73 1.12
CA LEU C 193 22.60 57.45 2.00
C LEU C 193 21.41 57.99 1.19
N SER C 194 20.30 58.20 1.89
CA SER C 194 19.09 58.81 1.34
C SER C 194 18.21 59.28 2.51
N SER C 195 17.09 59.93 2.18
CA SER C 195 16.22 60.55 3.18
C SER C 195 14.77 60.60 2.68
N VAL C 196 13.82 60.56 3.63
CA VAL C 196 12.38 60.66 3.36
C VAL C 196 11.73 61.41 4.53
N PRO C 197 10.51 61.97 4.35
CA PRO C 197 9.70 62.46 5.47
C PRO C 197 8.91 61.30 6.10
N SER C 198 8.79 61.29 7.43
CA SER C 198 8.26 60.12 8.16
C SER C 198 7.38 60.54 9.34
N SER C 199 6.06 60.60 9.10
CA SER C 199 5.03 60.83 10.14
C SER C 199 5.42 62.03 11.00
N ALA C 200 5.81 63.12 10.33
CA ALA C 200 6.66 64.15 10.90
C ALA C 200 5.97 65.52 10.89
N HIS C 201 6.10 66.25 12.00
CA HIS C 201 5.73 67.66 12.09
C HIS C 201 6.74 68.48 11.28
N GLY C 202 8.03 68.28 11.59
CA GLY C 202 9.14 68.77 10.77
C GLY C 202 10.34 67.83 10.81
N HIS C 203 10.10 66.56 11.12
CA HIS C 203 11.12 65.49 11.16
C HIS C 203 11.38 64.93 9.75
N ARG C 204 12.53 64.26 9.62
CA ARG C 204 12.91 63.47 8.44
C ARG C 204 13.50 62.14 8.91
N GLN C 205 13.60 61.19 7.97
CA GLN C 205 14.18 59.87 8.24
C GLN C 205 15.36 59.62 7.29
N LEU C 206 16.58 59.69 7.85
CA LEU C 206 17.78 59.35 7.11
C LEU C 206 17.88 57.82 7.01
N VAL C 207 18.36 57.34 5.87
CA VAL C 207 18.50 55.92 5.61
C VAL C 207 19.94 55.66 5.17
N CYS C 208 20.59 54.71 5.86
CA CYS C 208 21.89 54.20 5.46
C CYS C 208 21.73 52.79 4.88
N HIS C 209 21.95 52.68 3.57
CA HIS C 209 21.83 51.42 2.82
C HIS C 209 23.19 50.72 2.80
N VAL C 210 23.19 49.41 3.10
CA VAL C 210 24.39 48.61 3.11
C VAL C 210 24.07 47.30 2.38
N SER C 211 24.79 47.02 1.29
CA SER C 211 24.44 45.94 0.39
C SER C 211 25.69 45.24 -0.14
N GLY C 212 25.59 43.92 -0.29
CA GLY C 212 26.60 43.09 -0.95
C GLY C 212 27.56 42.42 0.01
N PHE C 213 27.27 42.45 1.32
CA PHE C 213 28.20 41.92 2.33
C PHE C 213 27.93 40.43 2.59
N TYR C 214 29.01 39.71 2.91
CA TYR C 214 28.98 38.34 3.37
C TYR C 214 30.26 38.07 4.14
N PRO C 215 30.17 37.40 5.31
CA PRO C 215 28.97 36.80 5.89
C PRO C 215 28.09 37.82 6.63
N LYS C 216 27.02 37.33 7.25
CA LYS C 216 25.90 38.12 7.75
C LYS C 216 26.34 39.14 8.80
N PRO C 217 27.16 38.77 9.82
CA PRO C 217 27.48 39.71 10.91
C PRO C 217 28.04 41.05 10.40
N VAL C 218 27.41 42.15 10.84
CA VAL C 218 27.72 43.50 10.40
C VAL C 218 27.33 44.47 11.51
N TRP C 219 27.98 45.64 11.53
CA TRP C 219 27.70 46.73 12.45
C TRP C 219 27.45 48.02 11.64
N VAL C 220 26.29 48.64 11.87
CA VAL C 220 25.91 49.87 11.17
C VAL C 220 25.35 50.86 12.21
N MET C 221 25.95 52.06 12.26
CA MET C 221 25.57 53.09 13.23
C MET C 221 25.61 54.48 12.58
N TRP C 222 24.55 55.25 12.82
CA TRP C 222 24.57 56.68 12.58
C TRP C 222 25.39 57.34 13.69
N MET C 223 26.17 58.35 13.32
CA MET C 223 27.11 58.99 14.23
C MET C 223 27.25 60.48 13.90
N ARG C 224 27.28 61.30 14.96
CA ARG C 224 27.77 62.67 14.91
C ARG C 224 29.11 62.72 15.65
N GLY C 225 30.20 62.72 14.87
CA GLY C 225 31.57 62.65 15.39
C GLY C 225 31.88 61.26 15.94
N ASP C 226 32.01 61.18 17.27
CA ASP C 226 32.29 59.93 17.98
C ASP C 226 31.04 59.47 18.74
N GLN C 227 29.93 60.22 18.61
CA GLN C 227 28.70 59.97 19.35
C GLN C 227 27.81 59.04 18.53
N GLU C 228 27.68 57.78 18.99
CA GLU C 228 26.78 56.81 18.39
C GLU C 228 25.34 57.24 18.65
N GLN C 229 24.61 57.59 17.59
CA GLN C 229 23.23 58.05 17.70
C GLN C 229 22.36 56.87 18.08
N GLN C 230 21.74 56.96 19.27
CA GLN C 230 21.04 55.84 19.92
C GLN C 230 19.69 55.59 19.23
N GLY C 231 19.21 56.57 18.46
CA GLY C 231 17.98 56.47 17.68
C GLY C 231 18.11 55.56 16.46
N THR C 232 19.35 55.19 16.10
CA THR C 232 19.61 54.26 15.00
C THR C 232 18.72 53.03 15.13
N HIS C 233 17.88 52.80 14.10
CA HIS C 233 17.07 51.60 13.98
C HIS C 233 17.49 50.83 12.72
N ARG C 234 18.08 49.64 12.91
CA ARG C 234 18.47 48.80 11.79
C ARG C 234 17.32 47.82 11.49
N GLY C 235 16.99 47.69 10.21
CA GLY C 235 15.96 46.79 9.75
C GLY C 235 16.43 45.35 9.77
N ASP C 236 15.66 44.48 9.10
CA ASP C 236 15.98 43.06 8.99
C ASP C 236 17.06 42.88 7.91
N PHE C 237 17.76 41.75 7.99
CA PHE C 237 18.67 41.31 6.95
C PHE C 237 17.84 40.80 5.78
N LEU C 238 18.05 41.41 4.60
CA LEU C 238 17.33 41.04 3.38
C LEU C 238 18.32 40.43 2.40
N PRO C 239 17.94 39.33 1.70
CA PRO C 239 18.86 38.67 0.77
C PRO C 239 18.98 39.41 -0.58
N ASN C 240 20.19 39.38 -1.14
CA ASN C 240 20.43 39.66 -2.54
C ASN C 240 20.42 38.32 -3.28
N ALA C 241 20.25 38.36 -4.60
CA ALA C 241 20.12 37.15 -5.42
C ALA C 241 21.46 36.42 -5.56
N ASP C 242 22.57 37.10 -5.25
CA ASP C 242 23.93 36.58 -5.44
C ASP C 242 24.52 36.07 -4.12
N GLU C 243 23.66 35.66 -3.17
CA GLU C 243 24.07 35.08 -1.87
C GLU C 243 24.98 36.06 -1.12
N THR C 244 24.60 37.34 -1.15
CA THR C 244 25.09 38.38 -0.24
C THR C 244 23.88 38.98 0.46
N TRP C 245 24.12 39.91 1.38
CA TRP C 245 23.10 40.45 2.25
C TRP C 245 22.92 41.95 2.04
N TYR C 246 21.73 42.42 2.42
CA TYR C 246 21.33 43.81 2.39
C TYR C 246 20.74 44.16 3.76
N LEU C 247 21.05 45.37 4.24
CA LEU C 247 20.54 45.89 5.50
C LEU C 247 20.50 47.43 5.40
N GLN C 248 19.48 48.05 6.00
CA GLN C 248 19.42 49.50 6.09
C GLN C 248 19.18 49.92 7.55
N ALA C 249 19.91 50.95 7.97
CA ALA C 249 19.78 51.56 9.28
C ALA C 249 19.20 52.96 9.11
N THR C 250 18.06 53.22 9.76
CA THR C 250 17.35 54.49 9.68
C THR C 250 17.64 55.32 10.93
N LEU C 251 17.47 56.64 10.81
CA LEU C 251 17.56 57.59 11.93
C LEU C 251 16.58 58.73 11.68
N ASP C 252 15.63 58.90 12.61
CA ASP C 252 14.64 59.95 12.56
C ASP C 252 15.24 61.21 13.18
N VAL C 253 15.37 62.27 12.36
CA VAL C 253 16.05 63.51 12.76
C VAL C 253 15.16 64.71 12.39
N GLU C 254 15.51 65.88 12.93
CA GLU C 254 14.80 67.12 12.66
C GLU C 254 15.34 67.78 11.39
N ALA C 255 14.41 68.26 10.54
CA ALA C 255 14.76 68.94 9.29
C ALA C 255 15.75 70.07 9.59
N GLY C 256 16.81 70.14 8.78
CA GLY C 256 17.91 71.09 8.97
C GLY C 256 18.78 70.74 10.17
N GLU C 257 18.97 69.43 10.40
CA GLU C 257 19.90 68.93 11.42
C GLU C 257 20.64 67.70 10.89
N GLU C 258 20.70 67.56 9.55
CA GLU C 258 21.28 66.39 8.90
C GLU C 258 22.79 66.56 8.76
N ALA C 259 23.25 67.79 8.51
CA ALA C 259 24.68 68.10 8.39
C ALA C 259 25.38 67.72 9.70
N GLY C 260 26.54 67.07 9.57
CA GLY C 260 27.33 66.58 10.71
C GLY C 260 27.15 65.09 10.94
N LEU C 261 26.00 64.54 10.53
CA LEU C 261 25.71 63.10 10.69
C LEU C 261 26.48 62.28 9.67
N ALA C 262 26.92 61.10 10.10
CA ALA C 262 27.59 60.14 9.23
C ALA C 262 27.09 58.73 9.57
N CYS C 263 27.20 57.83 8.57
CA CYS C 263 26.91 56.41 8.76
C CYS C 263 28.22 55.62 8.72
N ARG C 264 28.46 54.84 9.78
CA ARG C 264 29.65 54.03 9.92
C ARG C 264 29.27 52.55 9.81
N VAL C 265 30.03 51.81 8.99
CA VAL C 265 29.79 50.40 8.75
C VAL C 265 31.08 49.62 9.06
N LYS C 266 30.97 48.65 9.96
CA LYS C 266 32.04 47.72 10.29
C LYS C 266 31.66 46.33 9.77
N HIS C 267 32.59 45.69 9.05
CA HIS C 267 32.41 44.35 8.54
C HIS C 267 33.76 43.65 8.40
N SER C 268 33.76 42.34 8.67
CA SER C 268 34.95 41.48 8.65
C SER C 268 35.70 41.56 7.31
N SER C 269 34.99 41.86 6.21
CA SER C 269 35.59 41.87 4.87
C SER C 269 36.43 43.13 4.63
N LEU C 270 36.26 44.17 5.46
CA LEU C 270 36.89 45.48 5.24
C LEU C 270 38.30 45.54 5.84
N GLY C 271 38.62 44.59 6.73
CA GLY C 271 39.94 44.50 7.35
C GLY C 271 40.27 45.75 8.14
N GLY C 272 39.32 46.20 8.97
CA GLY C 272 39.54 47.32 9.89
C GLY C 272 39.23 48.68 9.28
N GLN C 273 39.15 48.74 7.94
CA GLN C 273 38.88 49.99 7.21
C GLN C 273 37.37 50.20 7.12
N ASP C 274 36.79 50.82 8.16
CA ASP C 274 35.36 51.08 8.24
C ASP C 274 34.94 51.99 7.08
N ILE C 275 33.68 51.87 6.67
CA ILE C 275 33.07 52.80 5.74
C ILE C 275 32.44 53.92 6.59
N ILE C 276 32.76 55.16 6.21
CA ILE C 276 32.19 56.36 6.83
C ILE C 276 31.61 57.22 5.69
N LEU C 277 30.29 57.37 5.68
CA LEU C 277 29.59 58.23 4.72
C LEU C 277 28.99 59.42 5.47
N TYR C 278 29.47 60.62 5.16
CA TYR C 278 28.95 61.87 5.73
C TYR C 278 27.78 62.35 4.86
N TRP C 279 26.69 62.77 5.52
CA TRP C 279 25.53 63.32 4.84
C TRP C 279 25.92 64.60 4.10
N GLN D 2 -4.30 32.33 8.01
CA GLN D 2 -3.63 33.00 6.85
C GLN D 2 -2.95 34.30 7.31
N LYS D 3 -1.60 34.29 7.29
CA LYS D 3 -0.78 35.48 7.58
C LYS D 3 -0.56 36.27 6.28
N THR D 4 -0.54 37.61 6.41
CA THR D 4 -0.58 38.55 5.29
C THR D 4 0.83 38.90 4.82
N PRO D 5 1.14 38.81 3.50
CA PRO D 5 2.50 38.95 3.01
C PRO D 5 3.12 40.34 3.22
N GLN D 6 4.34 40.37 3.78
CA GLN D 6 5.18 41.56 3.82
C GLN D 6 6.01 41.61 2.53
N ILE D 7 6.16 42.82 2.00
CA ILE D 7 6.84 43.05 0.72
C ILE D 7 7.90 44.14 0.92
N GLN D 8 9.14 43.82 0.58
CA GLN D 8 10.26 44.76 0.66
C GLN D 8 10.94 44.84 -0.71
N VAL D 9 11.10 46.07 -1.20
CA VAL D 9 11.63 46.36 -2.53
C VAL D 9 12.88 47.22 -2.34
N TYR D 10 13.99 46.79 -2.93
CA TYR D 10 15.30 47.39 -2.71
C TYR D 10 16.22 47.03 -3.90
N SER D 11 17.21 47.88 -4.16
CA SER D 11 18.17 47.67 -5.24
C SER D 11 19.42 46.96 -4.68
N ARG D 12 20.10 46.22 -5.56
CA ARG D 12 21.33 45.49 -5.24
C ARG D 12 22.50 46.47 -5.08
N HIS D 13 22.58 47.45 -5.99
CA HIS D 13 23.68 48.42 -6.04
C HIS D 13 23.13 49.82 -5.78
N PRO D 14 23.99 50.81 -5.42
CA PRO D 14 23.55 52.19 -5.28
C PRO D 14 22.84 52.64 -6.55
N PRO D 15 21.59 53.16 -6.47
CA PRO D 15 20.85 53.53 -7.68
C PRO D 15 21.38 54.82 -8.31
N GLU D 16 21.68 54.76 -9.61
CA GLU D 16 22.09 55.91 -10.42
C GLU D 16 21.33 55.90 -11.75
N ASN D 17 20.64 57.01 -12.05
CA ASN D 17 19.88 57.15 -13.29
C ASN D 17 20.76 56.81 -14.49
N GLY D 18 20.23 55.94 -15.37
CA GLY D 18 20.90 55.55 -16.62
C GLY D 18 21.81 54.34 -16.46
N LYS D 19 22.02 53.86 -15.23
CA LYS D 19 23.00 52.82 -14.91
C LYS D 19 22.28 51.50 -14.62
N PRO D 20 22.56 50.41 -15.38
CA PRO D 20 21.99 49.10 -15.07
C PRO D 20 22.23 48.65 -13.61
N ASN D 21 21.21 47.99 -13.04
CA ASN D 21 21.17 47.63 -11.63
C ASN D 21 20.29 46.38 -11.52
N ILE D 22 20.06 45.89 -10.29
CA ILE D 22 19.15 44.79 -10.06
C ILE D 22 18.15 45.22 -8.97
N LEU D 23 16.86 44.99 -9.25
CA LEU D 23 15.80 45.30 -8.30
C LEU D 23 15.32 44.00 -7.67
N ASN D 24 15.21 44.02 -6.33
CA ASN D 24 14.82 42.87 -5.54
C ASN D 24 13.42 43.13 -4.96
N CYS D 25 12.60 42.08 -4.97
CA CYS D 25 11.33 42.07 -4.25
C CYS D 25 11.29 40.84 -3.33
N TYR D 26 11.33 41.09 -2.02
CA TYR D 26 11.41 40.07 -1.00
C TYR D 26 10.04 39.96 -0.30
N VAL D 27 9.38 38.82 -0.50
CA VAL D 27 8.04 38.55 0.04
C VAL D 27 8.17 37.50 1.15
N THR D 28 7.65 37.84 2.34
CA THR D 28 7.86 37.06 3.56
C THR D 28 6.56 36.95 4.37
N GLN D 29 6.60 36.08 5.38
CA GLN D 29 5.62 35.99 6.46
C GLN D 29 4.22 35.65 5.91
N PHE D 30 4.16 34.82 4.86
CA PHE D 30 2.88 34.45 4.26
C PHE D 30 2.66 32.94 4.38
N HIS D 31 1.39 32.56 4.37
CA HIS D 31 0.93 31.19 4.29
C HIS D 31 -0.58 31.18 4.06
N PRO D 32 -1.10 30.26 3.23
CA PRO D 32 -0.37 29.16 2.61
C PRO D 32 0.58 29.59 1.49
N PRO D 33 1.45 28.69 0.99
CA PRO D 33 2.55 29.09 0.10
C PRO D 33 2.16 29.48 -1.32
N HIS D 34 0.93 29.20 -1.76
CA HIS D 34 0.49 29.60 -3.09
C HIS D 34 0.43 31.12 -3.15
N ILE D 35 1.19 31.70 -4.09
CA ILE D 35 1.33 33.16 -4.21
C ILE D 35 1.68 33.50 -5.65
N GLU D 36 1.24 34.69 -6.09
CA GLU D 36 1.58 35.27 -7.39
C GLU D 36 2.31 36.59 -7.16
N ILE D 37 3.55 36.67 -7.66
CA ILE D 37 4.40 37.83 -7.49
C ILE D 37 4.73 38.39 -8.87
N GLN D 38 4.46 39.69 -9.06
CA GLN D 38 4.75 40.41 -10.29
C GLN D 38 5.64 41.61 -9.96
N MET D 39 6.68 41.82 -10.77
CA MET D 39 7.45 43.05 -10.71
C MET D 39 7.05 43.93 -11.91
N LEU D 40 6.75 45.20 -11.61
CA LEU D 40 6.15 46.11 -12.58
C LEU D 40 7.11 47.26 -12.90
N LYS D 41 7.16 47.61 -14.19
CA LYS D 41 7.70 48.87 -14.68
C LYS D 41 6.54 49.71 -15.24
N ASN D 42 6.30 50.88 -14.62
CA ASN D 42 5.23 51.81 -15.04
C ASN D 42 3.89 51.06 -15.08
N GLY D 43 3.65 50.21 -14.06
CA GLY D 43 2.42 49.46 -13.90
C GLY D 43 2.27 48.29 -14.87
N LYS D 44 3.31 48.01 -15.66
CA LYS D 44 3.29 46.92 -16.64
C LYS D 44 4.25 45.80 -16.18
N LYS D 45 3.78 44.56 -16.33
CA LYS D 45 4.49 43.35 -15.91
C LYS D 45 5.83 43.24 -16.66
N ILE D 46 6.93 43.24 -15.90
CA ILE D 46 8.27 43.02 -16.44
C ILE D 46 8.41 41.55 -16.80
N PRO D 47 8.90 41.20 -18.02
CA PRO D 47 9.13 39.81 -18.39
C PRO D 47 10.47 39.29 -17.88
N LYS D 48 10.59 37.97 -17.73
CA LYS D 48 11.86 37.30 -17.41
C LYS D 48 12.33 37.67 -15.99
N VAL D 49 11.38 37.85 -15.06
CA VAL D 49 11.70 38.04 -13.65
C VAL D 49 12.13 36.67 -13.08
N GLU D 50 13.25 36.66 -12.35
CA GLU D 50 13.78 35.42 -11.76
C GLU D 50 13.26 35.29 -10.32
N MET D 51 12.94 34.05 -9.94
CA MET D 51 12.46 33.71 -8.61
C MET D 51 13.44 32.75 -7.96
N SER D 52 13.77 33.00 -6.69
CA SER D 52 14.44 32.03 -5.85
C SER D 52 13.49 30.84 -5.64
N ASP D 53 14.03 29.71 -5.15
CA ASP D 53 13.20 28.62 -4.69
C ASP D 53 12.46 29.09 -3.44
N MET D 54 11.18 28.75 -3.33
CA MET D 54 10.46 29.07 -2.11
C MET D 54 11.09 28.29 -0.95
N SER D 55 11.18 28.95 0.21
CA SER D 55 11.69 28.34 1.43
C SER D 55 10.82 28.80 2.61
N PHE D 56 11.17 28.40 3.83
CA PHE D 56 10.45 28.89 4.99
C PHE D 56 11.40 29.06 6.17
N SER D 57 10.98 29.92 7.11
CA SER D 57 11.77 30.33 8.27
C SER D 57 11.51 29.40 9.45
N LYS D 58 12.23 29.65 10.55
CA LYS D 58 12.11 28.96 11.83
C LYS D 58 10.63 28.84 12.24
N ASP D 59 9.85 29.91 12.02
CA ASP D 59 8.46 30.03 12.46
C ASP D 59 7.48 29.38 11.46
N TRP D 60 8.00 28.80 10.37
CA TRP D 60 7.27 27.99 9.39
C TRP D 60 6.58 28.84 8.32
N SER D 61 6.71 30.17 8.39
CA SER D 61 6.16 31.06 7.36
C SER D 61 7.09 31.06 6.14
N PHE D 62 6.49 31.23 4.95
CA PHE D 62 7.19 31.10 3.70
C PHE D 62 7.83 32.44 3.31
N TYR D 63 8.84 32.36 2.44
CA TYR D 63 9.48 33.52 1.87
C TYR D 63 10.06 33.14 0.50
N ILE D 64 10.23 34.15 -0.34
CA ILE D 64 10.77 33.99 -1.67
C ILE D 64 11.30 35.35 -2.13
N LEU D 65 12.35 35.32 -2.96
CA LEU D 65 12.98 36.51 -3.50
C LEU D 65 12.78 36.53 -5.02
N ALA D 66 12.16 37.60 -5.51
CA ALA D 66 12.11 37.90 -6.95
C ALA D 66 13.13 38.98 -7.25
N HIS D 67 13.75 38.92 -8.44
CA HIS D 67 14.67 39.97 -8.86
C HIS D 67 14.70 40.08 -10.39
N THR D 68 15.08 41.27 -10.86
CA THR D 68 15.11 41.59 -12.28
C THR D 68 16.14 42.69 -12.52
N GLU D 69 16.78 42.65 -13.70
CA GLU D 69 17.60 43.75 -14.18
C GLU D 69 16.68 44.96 -14.37
N PHE D 70 17.20 46.16 -14.05
CA PHE D 70 16.49 47.39 -14.27
C PHE D 70 17.49 48.54 -14.36
N THR D 71 17.05 49.62 -15.02
CA THR D 71 17.81 50.85 -15.15
C THR D 71 16.96 51.98 -14.58
N PRO D 72 17.27 52.48 -13.36
CA PRO D 72 16.55 53.62 -12.80
C PRO D 72 16.59 54.84 -13.75
N THR D 73 15.52 55.61 -13.77
CA THR D 73 15.44 56.90 -14.44
C THR D 73 14.65 57.86 -13.54
N GLU D 74 14.60 59.13 -13.94
CA GLU D 74 13.85 60.14 -13.21
C GLU D 74 12.36 59.81 -13.27
N THR D 75 11.91 59.25 -14.40
CA THR D 75 10.48 59.20 -14.76
C THR D 75 9.87 57.82 -14.45
N ASP D 76 10.61 56.73 -14.66
CA ASP D 76 10.08 55.36 -14.60
C ASP D 76 9.82 54.94 -13.15
N THR D 77 8.64 54.35 -12.90
CA THR D 77 8.28 53.79 -11.60
C THR D 77 8.46 52.27 -11.62
N TYR D 78 8.82 51.71 -10.46
CA TYR D 78 9.02 50.28 -10.29
C TYR D 78 8.27 49.83 -9.04
N ALA D 79 7.62 48.66 -9.14
CA ALA D 79 6.78 48.16 -8.06
C ALA D 79 6.81 46.64 -8.04
N CYS D 80 6.36 46.09 -6.91
CA CYS D 80 6.17 44.68 -6.75
C CYS D 80 4.72 44.45 -6.31
N ARG D 81 4.00 43.63 -7.10
CA ARG D 81 2.58 43.36 -6.89
C ARG D 81 2.40 41.88 -6.51
N VAL D 82 1.74 41.66 -5.37
CA VAL D 82 1.55 40.34 -4.78
C VAL D 82 0.06 40.05 -4.65
N LYS D 83 -0.35 38.87 -5.13
CA LYS D 83 -1.70 38.34 -4.91
C LYS D 83 -1.58 37.08 -4.03
N HIS D 84 -2.37 37.06 -2.96
CA HIS D 84 -2.39 35.99 -1.99
C HIS D 84 -3.79 35.89 -1.36
N ALA D 85 -4.24 34.66 -1.09
CA ALA D 85 -5.61 34.36 -0.63
C ALA D 85 -5.96 35.16 0.64
N SER D 86 -4.93 35.56 1.40
CA SER D 86 -5.09 36.30 2.66
C SER D 86 -5.49 37.77 2.43
N MET D 87 -5.48 38.22 1.17
CA MET D 87 -5.81 39.61 0.82
C MET D 87 -6.91 39.62 -0.24
N ALA D 88 -7.91 40.49 -0.02
CA ALA D 88 -9.05 40.64 -0.93
C ALA D 88 -8.55 41.18 -2.29
N GLU D 89 -7.66 42.16 -2.24
CA GLU D 89 -7.09 42.80 -3.43
C GLU D 89 -5.58 42.58 -3.46
N PRO D 90 -4.95 42.62 -4.65
CA PRO D 90 -3.48 42.63 -4.75
C PRO D 90 -2.86 43.77 -3.94
N LYS D 91 -1.72 43.51 -3.32
CA LYS D 91 -0.94 44.52 -2.62
C LYS D 91 0.24 44.92 -3.52
N THR D 92 0.44 46.23 -3.66
CA THR D 92 1.51 46.80 -4.46
C THR D 92 2.39 47.66 -3.56
N VAL D 93 3.70 47.39 -3.60
CA VAL D 93 4.72 48.21 -2.94
C VAL D 93 5.62 48.80 -4.03
N TYR D 94 5.75 50.13 -4.03
CA TYR D 94 6.54 50.86 -5.00
C TYR D 94 7.98 50.97 -4.49
N TRP D 95 8.94 50.82 -5.42
CA TRP D 95 10.32 51.12 -5.15
C TRP D 95 10.47 52.62 -4.93
N ASP D 96 10.93 53.00 -3.73
CA ASP D 96 11.33 54.35 -3.43
C ASP D 96 12.82 54.33 -3.09
N ARG D 97 13.65 54.87 -3.99
CA ARG D 97 15.11 54.85 -3.85
C ARG D 97 15.54 55.59 -2.58
N ASP D 98 14.74 56.59 -2.19
CA ASP D 98 14.99 57.42 -1.00
C ASP D 98 14.77 56.59 0.27
N MET D 99 13.81 55.66 0.25
CA MET D 99 13.57 54.72 1.36
C MET D 99 14.60 53.59 1.27
#